data_6EJD
#
_entry.id   6EJD
#
_cell.length_a   67.538
_cell.length_b   87.346
_cell.length_c   153.629
_cell.angle_alpha   90.000
_cell.angle_beta   90.000
_cell.angle_gamma   90.000
#
_symmetry.space_group_name_H-M   'P 21 21 21'
#
loop_
_entity.id
_entity.type
_entity.pdbx_description
1 polymer 'Xylosyltransferase 1'
2 polymer 'Protein AMBP'
3 non-polymer 'PHOSPHATE ION'
4 water water
#
loop_
_entity_poly.entity_id
_entity_poly.type
_entity_poly.pdbx_seq_one_letter_code
_entity_poly.pdbx_strand_id
1 'polypeptide(L)'
;APLVHHHHHHALDENLYFQGALADVSRPPHARKTGGSSPETKYDQPPKCDISGKEAISALSRAKSKHCRQEIGETYCRHK
LGLLMPEKVTRFCPLEGKANKNVQWDEDSVEYMPANPVRIAFVLVVHGRASRQLQRMFKAIYHKDHFYYIHVDKRSNYLH
RQVLQVSRQYSNVRVTPWRMATIWGGASLLSTYLQSMRDLLEMTDWPWDFFINLSAADYPIRTNDQLVAFLSRYRDMNFL
KSHGRDNARFIRKQGLDRLFLECDAHMWRLGDRRIPEGIAVDGGSDWFLLNRRFVEYVTFSTDDLVTKMKQFYSYTLLPA
ESFFHTVLENSPHCDTMVDNNLRITNWNRKLGCKCQYKHIVDWCGCSPNDFKPQDFHRFQQTARPTFFARKFEAVVNQEI
IGQLDYYLYGNYPAGTPGLRSYWENVYDEPDGIHSLSDVTLTLYHSFARLGLRRAETSLHTDGENSCRYYPMGHPASVHL
YFLADRFQGFLIKHHATNLAVSKLETLETWVMPKKVFKIASPPSDFGRLQFSEVGTDWDAKERLFRNFGGLLGPMDEPVG
MQKWGKGPNVTVTVIWVDPVNVIAATYDILIESTAEFTHYKPPLNLPLRPGVWTVKILHHWVPVAETKFLVAPLTFSNRQ
PIKPEEALKLHNGPLRNAYMEQSFQSLNPVLSLPINPAQVEQARRNAASTGTALEGWLDSLVGGMWTAMDICATGPTACP
VMQTCSQTAWSSFSPDPKSELGAVKPDGRLR
;
A
2 'polypeptide(L)' QEEEGSGGPQGG B
#
loop_
_chem_comp.id
_chem_comp.type
_chem_comp.name
_chem_comp.formula
PO4 non-polymer 'PHOSPHATE ION' 'O4 P -3'
#
# COMPACT_ATOMS: atom_id res chain seq x y z
N GLN A 45 -30.76 -2.76 -22.97
CA GLN A 45 -31.43 -4.03 -23.21
C GLN A 45 -32.03 -4.57 -21.91
N PRO A 46 -33.31 -4.95 -21.91
CA PRO A 46 -33.92 -5.44 -20.67
C PRO A 46 -33.39 -6.83 -20.34
N PRO A 47 -33.50 -7.26 -19.09
CA PRO A 47 -33.00 -8.59 -18.72
C PRO A 47 -33.84 -9.70 -19.34
N LYS A 48 -33.29 -10.91 -19.31
CA LYS A 48 -34.02 -12.10 -19.70
C LYS A 48 -34.90 -12.62 -18.57
N CYS A 49 -34.83 -12.03 -17.39
CA CYS A 49 -35.58 -12.48 -16.23
C CYS A 49 -36.02 -11.26 -15.44
N ASP A 50 -37.14 -11.40 -14.73
CA ASP A 50 -37.52 -10.38 -13.77
C ASP A 50 -36.52 -10.37 -12.62
N ILE A 51 -35.99 -9.19 -12.29
CA ILE A 51 -34.96 -9.04 -11.27
C ILE A 51 -35.57 -8.28 -10.11
N SER A 52 -35.76 -8.99 -8.99
CA SER A 52 -36.44 -8.45 -7.81
C SER A 52 -35.62 -8.51 -6.53
N GLY A 53 -34.47 -9.18 -6.52
CA GLY A 53 -33.66 -9.26 -5.31
C GLY A 53 -33.11 -7.89 -4.94
N LYS A 54 -33.22 -7.54 -3.66
CA LYS A 54 -32.76 -6.24 -3.19
C LYS A 54 -31.28 -6.03 -3.49
N GLU A 55 -30.44 -7.04 -3.20
CA GLU A 55 -29.01 -6.89 -3.43
C GLU A 55 -28.69 -6.68 -4.90
N ALA A 56 -29.36 -7.41 -5.80
CA ALA A 56 -29.08 -7.30 -7.22
C ALA A 56 -29.51 -5.95 -7.77
N ILE A 57 -30.63 -5.41 -7.29
CA ILE A 57 -31.06 -4.09 -7.75
C ILE A 57 -30.07 -3.03 -7.25
N SER A 58 -29.61 -3.17 -6.01
CA SER A 58 -28.61 -2.26 -5.48
C SER A 58 -27.31 -2.35 -6.26
N ALA A 59 -26.96 -3.54 -6.77
CA ALA A 59 -25.74 -3.70 -7.54
C ALA A 59 -25.88 -3.07 -8.92
N LEU A 60 -27.02 -3.29 -9.59
CA LEU A 60 -27.27 -2.69 -10.90
C LEU A 60 -27.27 -1.17 -10.81
N SER A 61 -27.80 -0.62 -9.71
CA SER A 61 -27.89 0.84 -9.57
C SER A 61 -26.52 1.47 -9.40
N ARG A 62 -25.60 0.80 -8.69
CA ARG A 62 -24.29 1.36 -8.41
C ARG A 62 -23.26 1.07 -9.50
N ALA A 63 -23.48 0.06 -10.34
CA ALA A 63 -22.53 -0.27 -11.39
C ALA A 63 -22.41 0.87 -12.41
N LYS A 64 -21.22 0.99 -13.00
CA LYS A 64 -20.87 2.12 -13.85
C LYS A 64 -20.82 1.79 -15.33
N SER A 65 -20.50 0.56 -15.70
CA SER A 65 -20.34 0.20 -17.10
C SER A 65 -21.53 -0.61 -17.59
N LYS A 66 -21.88 -0.43 -18.87
CA LYS A 66 -22.94 -1.21 -19.49
C LYS A 66 -22.63 -2.70 -19.46
N HIS A 67 -21.39 -3.06 -19.80
CA HIS A 67 -20.96 -4.46 -19.79
C HIS A 67 -21.17 -5.08 -18.41
N CYS A 68 -20.87 -4.32 -17.36
CA CYS A 68 -20.97 -4.85 -16.01
C CYS A 68 -22.42 -5.11 -15.63
N ARG A 69 -23.31 -4.18 -15.99
CA ARG A 69 -24.72 -4.37 -15.69
C ARG A 69 -25.29 -5.58 -16.42
N GLN A 70 -24.86 -5.80 -17.66
CA GLN A 70 -25.31 -6.99 -18.40
C GLN A 70 -24.84 -8.26 -17.71
N GLU A 71 -23.54 -8.32 -17.39
CA GLU A 71 -22.99 -9.50 -16.73
C GLU A 71 -23.70 -9.79 -15.41
N ILE A 72 -24.04 -8.75 -14.65
CA ILE A 72 -24.78 -8.94 -13.40
C ILE A 72 -26.12 -9.60 -13.65
N GLY A 73 -26.90 -9.04 -14.58
CA GLY A 73 -28.21 -9.61 -14.89
C GLY A 73 -28.14 -11.05 -15.36
N GLU A 74 -27.16 -11.37 -16.21
CA GLU A 74 -27.04 -12.73 -16.73
C GLU A 74 -26.77 -13.70 -15.59
N THR A 75 -25.85 -13.33 -14.69
CA THR A 75 -25.54 -14.18 -13.55
C THR A 75 -26.76 -14.40 -12.66
N TYR A 76 -27.49 -13.34 -12.35
CA TYR A 76 -28.66 -13.45 -11.48
C TYR A 76 -29.69 -14.40 -12.10
N CYS A 77 -30.03 -14.19 -13.37
CA CYS A 77 -31.02 -15.05 -14.04
C CYS A 77 -30.62 -16.52 -13.92
N ARG A 78 -29.37 -16.86 -14.26
CA ARG A 78 -28.96 -18.26 -14.28
C ARG A 78 -29.11 -18.90 -12.91
N HIS A 79 -28.74 -18.17 -11.85
CA HIS A 79 -28.92 -18.69 -10.50
C HIS A 79 -30.41 -18.80 -10.16
N LYS A 80 -31.22 -17.86 -10.66
CA LYS A 80 -32.66 -17.88 -10.41
C LYS A 80 -33.28 -19.17 -10.92
N LEU A 81 -32.86 -19.64 -12.10
CA LEU A 81 -33.40 -20.87 -12.66
C LEU A 81 -32.76 -22.12 -12.05
N GLY A 82 -31.78 -21.97 -11.17
CA GLY A 82 -31.15 -23.11 -10.54
C GLY A 82 -30.17 -23.83 -11.44
N LEU A 83 -29.60 -23.12 -12.41
CA LEU A 83 -28.68 -23.70 -13.40
C LEU A 83 -27.24 -23.23 -13.22
N LEU A 84 -26.94 -22.48 -12.17
CA LEU A 84 -25.62 -21.89 -11.97
C LEU A 84 -24.76 -22.64 -10.95
N MET A 85 -25.31 -22.94 -9.78
CA MET A 85 -24.58 -23.52 -8.65
C MET A 85 -24.89 -25.00 -8.50
N PRO A 86 -23.91 -25.83 -8.15
CA PRO A 86 -24.22 -27.24 -7.86
C PRO A 86 -24.89 -27.40 -6.52
N GLU A 87 -25.77 -28.41 -6.44
CA GLU A 87 -26.56 -28.65 -5.25
C GLU A 87 -26.11 -29.87 -4.44
N LYS A 88 -25.39 -30.81 -5.06
CA LYS A 88 -24.83 -31.95 -4.36
C LYS A 88 -23.52 -32.35 -5.05
N VAL A 89 -22.52 -32.72 -4.26
CA VAL A 89 -21.19 -33.01 -4.80
C VAL A 89 -20.69 -34.32 -4.21
N THR A 90 -20.02 -35.12 -5.03
CA THR A 90 -19.49 -36.40 -4.57
C THR A 90 -18.25 -36.21 -3.69
N ARG A 91 -18.19 -36.98 -2.62
CA ARG A 91 -17.05 -37.03 -1.71
C ARG A 91 -16.28 -38.34 -1.95
N PHE A 92 -14.99 -38.23 -2.26
CA PHE A 92 -14.18 -39.40 -2.55
C PHE A 92 -13.30 -39.83 -1.38
N CYS A 93 -13.28 -39.06 -0.29
CA CYS A 93 -12.40 -39.39 0.81
C CYS A 93 -12.97 -40.58 1.58
N PRO A 94 -12.18 -41.65 1.82
CA PRO A 94 -12.71 -42.78 2.60
C PRO A 94 -12.78 -42.51 4.09
N LEU A 95 -12.04 -41.53 4.60
CA LEU A 95 -12.03 -41.26 6.02
C LEU A 95 -13.38 -40.76 6.52
N GLU A 96 -13.55 -40.81 7.84
CA GLU A 96 -14.77 -40.30 8.45
C GLU A 96 -14.73 -38.78 8.63
N GLY A 97 -13.56 -38.24 8.96
CA GLY A 97 -13.42 -36.80 9.12
C GLY A 97 -12.14 -36.27 8.52
N LYS A 98 -11.37 -35.48 9.28
CA LYS A 98 -10.10 -35.00 8.76
C LYS A 98 -8.95 -35.91 9.19
N ALA A 99 -7.81 -35.73 8.52
CA ALA A 99 -6.61 -36.54 8.80
C ALA A 99 -5.77 -35.99 9.94
N ASN A 100 -5.06 -34.89 9.65
CA ASN A 100 -4.12 -34.23 10.57
C ASN A 100 -2.92 -35.13 10.82
N VAL A 110 16.06 -30.95 12.05
CA VAL A 110 16.09 -30.28 10.76
C VAL A 110 17.52 -29.82 10.46
N GLU A 111 18.50 -30.45 11.09
CA GLU A 111 19.90 -30.09 10.94
C GLU A 111 20.69 -31.13 10.15
N TYR A 112 20.00 -32.00 9.42
CA TYR A 112 20.62 -33.00 8.56
C TYR A 112 20.69 -32.48 7.12
N MET A 113 21.45 -33.20 6.29
CA MET A 113 21.59 -32.89 4.87
C MET A 113 20.84 -33.92 4.05
N PRO A 114 19.84 -33.55 3.24
CA PRO A 114 19.10 -34.57 2.50
C PRO A 114 19.93 -35.11 1.35
N ALA A 115 19.80 -36.42 1.11
CA ALA A 115 20.39 -37.02 -0.07
C ALA A 115 19.65 -36.63 -1.35
N ASN A 116 18.33 -36.45 -1.26
CA ASN A 116 17.51 -36.11 -2.43
C ASN A 116 16.69 -34.86 -2.07
N PRO A 117 17.32 -33.69 -2.10
CA PRO A 117 16.62 -32.45 -1.72
C PRO A 117 15.53 -32.04 -2.70
N VAL A 118 14.42 -31.55 -2.14
CA VAL A 118 13.31 -31.06 -2.96
C VAL A 118 13.70 -29.75 -3.65
N ARG A 119 13.09 -29.50 -4.80
CA ARG A 119 13.22 -28.23 -5.52
C ARG A 119 11.88 -27.50 -5.53
N ILE A 120 11.90 -26.22 -5.18
CA ILE A 120 10.70 -25.46 -4.84
C ILE A 120 10.36 -24.50 -5.98
N ALA A 121 9.08 -24.39 -6.29
CA ALA A 121 8.55 -23.37 -7.19
C ALA A 121 7.90 -22.28 -6.34
N PHE A 122 8.54 -21.13 -6.25
CA PHE A 122 7.97 -19.98 -5.57
C PHE A 122 7.09 -19.19 -6.53
N VAL A 123 5.85 -18.93 -6.13
CA VAL A 123 4.92 -18.09 -6.90
C VAL A 123 4.71 -16.80 -6.12
N LEU A 124 5.23 -15.70 -6.66
CA LEU A 124 5.13 -14.38 -6.04
C LEU A 124 4.01 -13.56 -6.70
N VAL A 125 3.03 -13.16 -5.90
CA VAL A 125 1.91 -12.34 -6.35
C VAL A 125 2.11 -10.97 -5.69
N VAL A 126 2.50 -9.96 -6.48
CA VAL A 126 2.98 -8.70 -5.93
C VAL A 126 2.24 -7.51 -6.50
N HIS A 127 2.27 -6.42 -5.75
CA HIS A 127 1.69 -5.15 -6.15
C HIS A 127 2.32 -4.00 -5.35
N GLY A 128 2.10 -2.79 -5.83
CA GLY A 128 2.55 -1.58 -5.15
C GLY A 128 3.85 -1.02 -5.70
N ARG A 129 4.55 -0.26 -4.84
CA ARG A 129 5.73 0.50 -5.23
C ARG A 129 7.02 0.03 -4.55
N ALA A 130 6.95 -0.94 -3.64
CA ALA A 130 8.07 -1.23 -2.74
C ALA A 130 9.02 -2.24 -3.40
N SER A 131 9.57 -1.82 -4.54
CA SER A 131 10.41 -2.70 -5.35
C SER A 131 11.69 -3.09 -4.61
N ARG A 132 12.27 -2.16 -3.85
CA ARG A 132 13.54 -2.45 -3.18
C ARG A 132 13.39 -3.40 -2.01
N GLN A 133 12.26 -3.36 -1.31
CA GLN A 133 12.02 -4.34 -0.26
C GLN A 133 11.80 -5.72 -0.87
N LEU A 134 11.10 -5.79 -2.00
CA LEU A 134 10.94 -7.06 -2.70
C LEU A 134 12.30 -7.62 -3.11
N GLN A 135 13.19 -6.76 -3.61
CA GLN A 135 14.53 -7.20 -4.00
C GLN A 135 15.30 -7.78 -2.81
N ARG A 136 15.17 -7.16 -1.63
CA ARG A 136 15.85 -7.66 -0.45
C ARG A 136 15.33 -9.06 -0.08
N MET A 137 14.01 -9.26 -0.13
CA MET A 137 13.43 -10.55 0.20
C MET A 137 13.79 -11.61 -0.84
N PHE A 138 13.69 -11.27 -2.13
CA PHE A 138 14.13 -12.18 -3.18
C PHE A 138 15.56 -12.63 -2.96
N LYS A 139 16.41 -11.72 -2.48
CA LYS A 139 17.80 -12.06 -2.20
C LYS A 139 17.88 -13.11 -1.09
N ALA A 140 17.02 -13.00 -0.08
CA ALA A 140 17.07 -13.91 1.05
C ALA A 140 16.61 -15.33 0.68
N ILE A 141 15.68 -15.48 -0.27
CA ILE A 141 15.10 -16.79 -0.56
C ILE A 141 15.71 -17.46 -1.79
N TYR A 142 16.62 -16.80 -2.50
CA TYR A 142 17.09 -17.34 -3.77
C TYR A 142 18.08 -18.49 -3.56
N HIS A 143 17.92 -19.54 -4.37
CA HIS A 143 18.94 -20.56 -4.53
C HIS A 143 18.82 -21.06 -5.96
N LYS A 144 19.95 -21.37 -6.60
CA LYS A 144 19.94 -21.70 -8.01
C LYS A 144 19.07 -22.91 -8.34
N ASP A 145 18.77 -23.76 -7.36
CA ASP A 145 18.00 -24.97 -7.59
C ASP A 145 16.49 -24.76 -7.56
N HIS A 146 16.02 -23.62 -7.05
CA HIS A 146 14.59 -23.38 -7.00
C HIS A 146 14.13 -22.65 -8.26
N PHE A 147 12.86 -22.26 -8.28
CA PHE A 147 12.27 -21.57 -9.42
C PHE A 147 11.37 -20.46 -8.90
N TYR A 148 11.25 -19.39 -9.68
CA TYR A 148 10.56 -18.19 -9.23
C TYR A 148 9.69 -17.67 -10.35
N TYR A 149 8.37 -17.63 -10.10
CA TYR A 149 7.36 -17.24 -11.09
C TYR A 149 6.57 -16.08 -10.51
N ILE A 150 6.66 -14.91 -11.12
CA ILE A 150 6.21 -13.66 -10.51
C ILE A 150 5.05 -13.11 -11.32
N HIS A 151 3.91 -12.93 -10.67
CA HIS A 151 2.75 -12.30 -11.27
C HIS A 151 2.60 -10.91 -10.66
N VAL A 152 2.66 -9.88 -11.49
CA VAL A 152 2.57 -8.48 -11.05
C VAL A 152 1.21 -7.93 -11.43
N ASP A 153 0.50 -7.41 -10.43
CA ASP A 153 -0.80 -6.77 -10.62
C ASP A 153 -0.79 -5.87 -11.85
N LYS A 154 -1.82 -5.99 -12.68
CA LYS A 154 -1.92 -5.23 -13.91
C LYS A 154 -1.83 -3.73 -13.65
N ARG A 155 -2.16 -3.27 -12.46
CA ARG A 155 -2.17 -1.84 -12.13
C ARG A 155 -0.82 -1.30 -11.64
N SER A 156 0.20 -2.15 -11.49
CA SER A 156 1.49 -1.73 -10.95
C SER A 156 2.56 -1.82 -12.04
N ASN A 157 2.51 -0.87 -12.99
CA ASN A 157 3.39 -0.96 -14.15
C ASN A 157 4.83 -0.62 -13.76
N TYR A 158 5.02 0.34 -12.85
CA TYR A 158 6.36 0.63 -12.36
C TYR A 158 7.01 -0.62 -11.79
N LEU A 159 6.31 -1.30 -10.88
CA LEU A 159 6.86 -2.52 -10.28
C LEU A 159 7.15 -3.57 -11.33
N HIS A 160 6.28 -3.67 -12.36
CA HIS A 160 6.48 -4.68 -13.38
C HIS A 160 7.74 -4.41 -14.19
N ARG A 161 8.07 -3.14 -14.41
CA ARG A 161 9.29 -2.80 -15.13
C ARG A 161 10.53 -3.18 -14.32
N GLN A 162 10.46 -3.02 -13.00
CA GLN A 162 11.58 -3.40 -12.14
C GLN A 162 11.73 -4.92 -12.06
N VAL A 163 10.60 -5.64 -11.95
CA VAL A 163 10.66 -7.10 -11.91
C VAL A 163 11.24 -7.66 -13.20
N LEU A 164 10.94 -7.03 -14.33
CA LEU A 164 11.44 -7.51 -15.62
C LEU A 164 12.96 -7.53 -15.66
N GLN A 165 13.61 -6.56 -15.00
CA GLN A 165 15.07 -6.55 -14.96
C GLN A 165 15.64 -7.74 -14.19
N VAL A 166 14.90 -8.25 -13.21
CA VAL A 166 15.36 -9.43 -12.47
C VAL A 166 15.24 -10.69 -13.33
N SER A 167 14.09 -10.89 -13.97
CA SER A 167 13.87 -12.10 -14.76
C SER A 167 14.87 -12.21 -15.90
N ARG A 168 15.39 -11.08 -16.38
CA ARG A 168 16.35 -11.09 -17.46
C ARG A 168 17.74 -11.49 -17.00
N GLN A 169 18.02 -11.41 -15.71
CA GLN A 169 19.33 -11.76 -15.17
C GLN A 169 19.50 -13.24 -14.86
N TYR A 170 18.43 -13.93 -14.48
CA TYR A 170 18.52 -15.29 -13.95
C TYR A 170 17.64 -16.21 -14.75
N SER A 171 18.17 -17.39 -15.09
CA SER A 171 17.44 -18.33 -15.95
C SER A 171 16.31 -19.04 -15.21
N ASN A 172 16.34 -19.08 -13.88
CA ASN A 172 15.29 -19.71 -13.09
C ASN A 172 14.27 -18.71 -12.54
N VAL A 173 14.14 -17.54 -13.18
CA VAL A 173 13.20 -16.51 -12.78
C VAL A 173 12.41 -16.09 -14.01
N ARG A 174 11.08 -16.16 -13.94
CA ARG A 174 10.21 -15.78 -15.04
C ARG A 174 9.04 -14.97 -14.51
N VAL A 175 8.42 -14.17 -15.39
CA VAL A 175 7.25 -13.38 -15.04
C VAL A 175 6.05 -13.87 -15.86
N THR A 176 4.88 -13.82 -15.24
CA THR A 176 3.67 -14.23 -15.95
C THR A 176 3.35 -13.25 -17.08
N PRO A 177 3.18 -13.72 -18.32
CA PRO A 177 2.80 -12.80 -19.40
C PRO A 177 1.40 -12.27 -19.25
N TRP A 178 0.50 -13.03 -18.64
CA TRP A 178 -0.83 -12.55 -18.31
C TRP A 178 -0.78 -11.87 -16.94
N ARG A 179 -1.62 -10.85 -16.76
CA ARG A 179 -1.65 -10.09 -15.53
C ARG A 179 -3.08 -9.70 -15.22
N MET A 180 -3.51 -10.02 -13.99
CA MET A 180 -4.85 -9.74 -13.52
C MET A 180 -4.80 -8.60 -12.51
N ALA A 181 -5.95 -7.96 -12.32
CA ALA A 181 -6.12 -6.92 -11.30
C ALA A 181 -6.62 -7.60 -10.04
N THR A 182 -5.69 -8.07 -9.21
CA THR A 182 -6.06 -8.92 -8.07
C THR A 182 -6.45 -8.02 -6.89
N ILE A 183 -7.71 -7.59 -6.93
CA ILE A 183 -8.26 -6.81 -5.83
C ILE A 183 -8.41 -7.67 -4.59
N TRP A 184 -8.47 -7.01 -3.43
CA TRP A 184 -8.63 -7.73 -2.18
C TRP A 184 -9.95 -8.47 -2.16
N GLY A 185 -9.90 -9.76 -1.81
CA GLY A 185 -11.09 -10.59 -1.74
C GLY A 185 -11.63 -11.03 -3.08
N GLY A 186 -11.02 -10.61 -4.18
CA GLY A 186 -11.59 -10.91 -5.48
C GLY A 186 -11.49 -12.37 -5.83
N ALA A 187 -12.43 -12.83 -6.68
CA ALA A 187 -12.38 -14.19 -7.19
C ALA A 187 -11.16 -14.42 -8.06
N SER A 188 -10.59 -13.35 -8.62
CA SER A 188 -9.48 -13.47 -9.56
C SER A 188 -8.20 -13.98 -8.90
N LEU A 189 -8.10 -13.93 -7.57
CA LEU A 189 -6.90 -14.47 -6.93
C LEU A 189 -6.80 -15.98 -7.12
N LEU A 190 -7.94 -16.68 -7.10
CA LEU A 190 -7.91 -18.11 -7.37
C LEU A 190 -7.58 -18.39 -8.83
N SER A 191 -8.18 -17.63 -9.74
CA SER A 191 -7.84 -17.76 -11.16
C SER A 191 -6.35 -17.54 -11.37
N THR A 192 -5.75 -16.61 -10.64
CA THR A 192 -4.32 -16.39 -10.73
C THR A 192 -3.54 -17.65 -10.34
N TYR A 193 -3.87 -18.23 -9.17
CA TYR A 193 -3.15 -19.41 -8.70
C TYR A 193 -3.34 -20.60 -9.64
N LEU A 194 -4.58 -20.84 -10.08
CA LEU A 194 -4.87 -22.01 -10.90
C LEU A 194 -4.19 -21.91 -12.26
N GLN A 195 -4.11 -20.70 -12.83
CA GLN A 195 -3.43 -20.55 -14.11
C GLN A 195 -1.93 -20.73 -13.96
N SER A 196 -1.34 -20.19 -12.89
CA SER A 196 0.10 -20.38 -12.67
C SER A 196 0.44 -21.84 -12.43
N MET A 197 -0.47 -22.60 -11.81
CA MET A 197 -0.22 -24.04 -11.65
C MET A 197 -0.21 -24.75 -12.99
N ARG A 198 -1.13 -24.40 -13.89
CA ARG A 198 -1.10 -25.00 -15.22
C ARG A 198 0.18 -24.63 -15.94
N ASP A 199 0.54 -23.35 -15.94
CA ASP A 199 1.79 -22.93 -16.56
C ASP A 199 2.96 -23.71 -15.98
N LEU A 200 3.01 -23.81 -14.64
CA LEU A 200 4.17 -24.43 -14.01
C LEU A 200 4.24 -25.93 -14.30
N LEU A 201 3.10 -26.62 -14.35
CA LEU A 201 3.13 -28.05 -14.64
C LEU A 201 3.59 -28.35 -16.05
N GLU A 202 3.40 -27.42 -16.99
CA GLU A 202 3.80 -27.62 -18.37
C GLU A 202 5.23 -27.17 -18.67
N MET A 203 5.91 -26.51 -17.73
CA MET A 203 7.32 -26.18 -17.88
C MET A 203 8.15 -27.41 -17.52
N THR A 204 8.39 -28.26 -18.52
CA THR A 204 9.11 -29.51 -18.30
C THR A 204 10.57 -29.31 -17.91
N ASP A 205 11.15 -28.16 -18.21
CA ASP A 205 12.53 -27.90 -17.81
C ASP A 205 12.64 -27.49 -16.35
N TRP A 206 11.52 -27.43 -15.63
CA TRP A 206 11.49 -27.08 -14.20
C TRP A 206 10.89 -28.23 -13.41
N PRO A 207 11.71 -29.19 -12.95
CA PRO A 207 11.21 -30.32 -12.13
C PRO A 207 11.08 -30.00 -10.65
N TRP A 208 10.00 -29.32 -10.30
CA TRP A 208 9.78 -28.87 -8.92
C TRP A 208 8.92 -29.89 -8.16
N ASP A 209 9.06 -29.85 -6.84
CA ASP A 209 8.38 -30.78 -5.95
C ASP A 209 7.34 -30.12 -5.04
N PHE A 210 7.49 -28.83 -4.73
CA PHE A 210 6.57 -28.13 -3.86
C PHE A 210 6.20 -26.77 -4.45
N PHE A 211 5.01 -26.30 -4.08
CA PHE A 211 4.44 -25.03 -4.51
C PHE A 211 4.26 -24.13 -3.29
N ILE A 212 4.86 -22.95 -3.31
CA ILE A 212 4.80 -22.00 -2.21
C ILE A 212 4.44 -20.62 -2.77
N ASN A 213 3.40 -20.00 -2.22
CA ASN A 213 2.99 -18.67 -2.64
C ASN A 213 3.44 -17.64 -1.61
N LEU A 214 3.94 -16.50 -2.10
CA LEU A 214 4.40 -15.42 -1.24
C LEU A 214 3.99 -14.08 -1.84
N SER A 215 3.77 -13.10 -0.97
CA SER A 215 3.54 -11.73 -1.37
C SER A 215 4.75 -10.87 -1.07
N ALA A 216 4.67 -9.61 -1.51
CA ALA A 216 5.75 -8.65 -1.27
C ALA A 216 5.87 -8.23 0.19
N ALA A 217 4.93 -8.64 1.05
CA ALA A 217 4.99 -8.31 2.46
C ALA A 217 5.37 -9.51 3.32
N ASP A 218 5.81 -10.61 2.71
CA ASP A 218 6.30 -11.78 3.42
C ASP A 218 7.81 -11.71 3.59
N TYR A 219 8.32 -12.53 4.53
CA TYR A 219 9.75 -12.65 4.75
C TYR A 219 10.07 -13.98 5.40
N PRO A 220 11.18 -14.64 5.05
CA PRO A 220 11.55 -15.87 5.74
C PRO A 220 12.06 -15.59 7.16
N ILE A 221 11.78 -16.54 8.05
CA ILE A 221 12.29 -16.52 9.41
C ILE A 221 13.17 -17.73 9.71
N ARG A 222 13.50 -18.51 8.68
CA ARG A 222 14.49 -19.57 8.80
C ARG A 222 15.22 -19.70 7.47
N THR A 223 16.41 -20.28 7.53
CA THR A 223 17.27 -20.37 6.35
C THR A 223 16.69 -21.31 5.29
N ASN A 224 17.21 -21.14 4.07
CA ASN A 224 16.84 -22.01 2.97
C ASN A 224 17.26 -23.46 3.21
N ASP A 225 18.41 -23.69 3.85
CA ASP A 225 18.87 -25.06 4.10
C ASP A 225 17.87 -25.82 4.97
N GLN A 226 17.32 -25.17 6.00
CA GLN A 226 16.36 -25.85 6.86
C GLN A 226 15.03 -26.07 6.15
N LEU A 227 14.60 -25.09 5.35
CA LEU A 227 13.37 -25.27 4.57
C LEU A 227 13.46 -26.51 3.70
N VAL A 228 14.58 -26.70 3.00
CA VAL A 228 14.70 -27.84 2.10
C VAL A 228 14.77 -29.15 2.90
N ALA A 229 15.51 -29.15 3.99
CA ALA A 229 15.62 -30.35 4.82
C ALA A 229 14.27 -30.77 5.38
N PHE A 230 13.48 -29.80 5.84
CA PHE A 230 12.17 -30.10 6.41
C PHE A 230 11.24 -30.66 5.34
N LEU A 231 11.15 -29.98 4.20
CA LEU A 231 10.22 -30.41 3.17
C LEU A 231 10.69 -31.71 2.51
N SER A 232 12.00 -31.93 2.44
CA SER A 232 12.53 -33.18 1.90
C SER A 232 12.10 -34.39 2.73
N ARG A 233 11.88 -34.21 4.03
CA ARG A 233 11.43 -35.32 4.87
C ARG A 233 9.93 -35.59 4.73
N TYR A 234 9.13 -34.56 4.48
CA TYR A 234 7.68 -34.71 4.43
C TYR A 234 7.14 -34.37 3.04
N ARG A 235 7.73 -34.96 1.99
CA ARG A 235 7.45 -34.51 0.64
C ARG A 235 6.08 -34.96 0.13
N ASP A 236 5.40 -35.87 0.82
CA ASP A 236 4.06 -36.31 0.44
C ASP A 236 2.95 -35.62 1.23
N MET A 237 3.27 -34.56 1.97
CA MET A 237 2.28 -33.84 2.76
C MET A 237 1.87 -32.54 2.07
N ASN A 238 0.70 -32.03 2.48
CA ASN A 238 0.19 -30.73 2.07
C ASN A 238 -0.06 -29.89 3.31
N PHE A 239 0.32 -28.62 3.27
CA PHE A 239 0.34 -27.77 4.45
C PHE A 239 -0.70 -26.66 4.29
N LEU A 240 -1.82 -26.81 5.01
CA LEU A 240 -2.92 -25.87 5.03
C LEU A 240 -3.39 -25.67 6.47
N LYS A 241 -3.73 -24.44 6.83
CA LYS A 241 -4.19 -24.13 8.18
C LYS A 241 -5.68 -23.80 8.14
N SER A 242 -6.45 -24.47 9.01
CA SER A 242 -7.89 -24.27 9.11
C SER A 242 -8.23 -23.16 10.11
N HIS A 243 -9.50 -22.74 10.10
CA HIS A 243 -9.88 -21.54 10.85
C HIS A 243 -9.69 -21.75 12.35
N GLY A 244 -9.93 -22.97 12.84
CA GLY A 244 -9.76 -23.24 14.26
C GLY A 244 -10.87 -22.73 15.14
N ARG A 245 -12.13 -22.87 14.71
CA ARG A 245 -13.26 -22.37 15.49
C ARG A 245 -14.51 -23.15 15.06
N ASP A 246 -15.67 -22.54 15.23
CA ASP A 246 -16.93 -23.16 14.84
C ASP A 246 -17.13 -23.00 13.34
N ASN A 247 -17.51 -24.10 12.67
CA ASN A 247 -17.56 -24.10 11.22
C ASN A 247 -18.75 -23.28 10.70
N ALA A 248 -19.88 -23.35 11.39
CA ALA A 248 -21.03 -22.55 10.99
C ALA A 248 -20.70 -21.06 11.03
N ARG A 249 -20.04 -20.61 12.10
CA ARG A 249 -19.66 -19.20 12.18
C ARG A 249 -18.63 -18.84 11.12
N PHE A 250 -17.76 -19.78 10.74
CA PHE A 250 -16.80 -19.50 9.67
C PHE A 250 -17.51 -19.24 8.35
N ILE A 251 -18.53 -20.04 8.04
CA ILE A 251 -19.25 -19.92 6.78
C ILE A 251 -19.97 -18.57 6.70
N ARG A 252 -20.66 -18.18 7.77
CA ARG A 252 -21.40 -16.93 7.77
C ARG A 252 -20.45 -15.76 7.57
N LYS A 253 -19.36 -15.74 8.34
CA LYS A 253 -18.45 -14.60 8.35
C LYS A 253 -17.66 -14.47 7.06
N GLN A 254 -17.40 -15.58 6.37
CA GLN A 254 -16.77 -15.54 5.06
C GLN A 254 -17.74 -15.17 3.94
N GLY A 255 -19.04 -15.21 4.18
CA GLY A 255 -20.00 -14.95 3.13
C GLY A 255 -20.08 -16.06 2.11
N LEU A 256 -19.72 -17.30 2.49
CA LEU A 256 -19.73 -18.40 1.55
C LEU A 256 -21.13 -18.76 1.08
N ASP A 257 -22.16 -18.44 1.88
CA ASP A 257 -23.54 -18.66 1.48
C ASP A 257 -24.12 -17.47 0.72
N ARG A 258 -23.28 -16.56 0.23
CA ARG A 258 -23.68 -15.42 -0.58
C ARG A 258 -23.01 -15.54 -1.95
N LEU A 259 -23.70 -15.03 -2.96
CA LEU A 259 -23.19 -15.04 -4.33
C LEU A 259 -22.49 -13.72 -4.66
N PHE A 260 -21.24 -13.81 -5.13
CA PHE A 260 -20.46 -12.64 -5.48
C PHE A 260 -20.10 -12.74 -6.96
N LEU A 261 -19.87 -11.59 -7.57
CA LEU A 261 -19.48 -11.56 -8.98
C LEU A 261 -18.42 -10.48 -9.13
N GLU A 262 -17.29 -10.81 -9.75
CA GLU A 262 -16.25 -9.79 -9.97
C GLU A 262 -16.44 -9.10 -11.33
N CYS A 263 -16.51 -7.77 -11.30
CA CYS A 263 -16.67 -6.96 -12.51
C CYS A 263 -16.34 -5.50 -12.21
N ASP A 264 -15.57 -4.86 -13.11
CA ASP A 264 -15.12 -3.47 -12.94
C ASP A 264 -14.30 -3.29 -11.66
N ALA A 265 -13.46 -4.28 -11.33
CA ALA A 265 -12.59 -4.18 -10.15
C ALA A 265 -13.41 -3.97 -8.88
N HIS A 266 -14.54 -4.67 -8.79
CA HIS A 266 -15.40 -4.60 -7.62
C HIS A 266 -16.08 -5.95 -7.44
N MET A 267 -16.31 -6.31 -6.17
CA MET A 267 -17.02 -7.55 -5.84
C MET A 267 -18.46 -7.22 -5.45
N TRP A 268 -19.39 -7.57 -6.33
CA TRP A 268 -20.81 -7.30 -6.14
C TRP A 268 -21.51 -8.48 -5.47
N ARG A 269 -22.24 -8.21 -4.39
CA ARG A 269 -23.06 -9.24 -3.76
C ARG A 269 -24.44 -9.28 -4.41
N LEU A 270 -24.84 -10.46 -4.89
CA LEU A 270 -26.05 -10.60 -5.69
C LEU A 270 -27.14 -11.41 -5.02
N GLY A 271 -26.89 -12.04 -3.88
CA GLY A 271 -27.94 -12.75 -3.17
C GLY A 271 -27.39 -13.97 -2.45
N ASP A 272 -28.32 -14.83 -2.05
CA ASP A 272 -28.03 -16.02 -1.26
C ASP A 272 -27.82 -17.23 -2.17
N ARG A 273 -27.28 -18.29 -1.58
CA ARG A 273 -27.13 -19.56 -2.28
C ARG A 273 -26.94 -20.66 -1.24
N ARG A 274 -27.18 -21.90 -1.67
CA ARG A 274 -27.07 -23.02 -0.75
C ARG A 274 -25.68 -23.64 -0.82
N ILE A 275 -25.21 -24.11 0.33
CA ILE A 275 -24.02 -24.96 0.44
C ILE A 275 -24.33 -26.34 -0.10
N PRO A 276 -23.60 -26.86 -1.09
CA PRO A 276 -23.98 -28.16 -1.68
C PRO A 276 -23.90 -29.28 -0.65
N GLU A 277 -24.76 -30.28 -0.83
CA GLU A 277 -24.85 -31.40 0.07
C GLU A 277 -23.79 -32.45 -0.23
N GLY A 278 -23.43 -33.23 0.78
CA GLY A 278 -22.59 -34.40 0.59
C GLY A 278 -21.10 -34.20 0.79
N ILE A 279 -20.64 -32.99 1.11
CA ILE A 279 -19.22 -32.71 1.26
C ILE A 279 -19.00 -31.85 2.50
N ALA A 280 -17.81 -31.98 3.07
CA ALA A 280 -17.38 -31.16 4.20
C ALA A 280 -16.68 -29.90 3.69
N VAL A 281 -17.19 -28.74 4.10
CA VAL A 281 -16.61 -27.44 3.72
C VAL A 281 -15.70 -26.96 4.84
N ASP A 282 -14.51 -26.48 4.47
CA ASP A 282 -13.52 -26.01 5.42
C ASP A 282 -12.74 -24.86 4.81
N GLY A 283 -12.00 -24.15 5.64
CA GLY A 283 -11.20 -23.04 5.17
C GLY A 283 -10.38 -22.46 6.30
N GLY A 284 -9.55 -21.48 5.94
CA GLY A 284 -8.70 -20.80 6.89
C GLY A 284 -7.83 -19.77 6.20
N SER A 285 -6.51 -19.96 6.31
CA SER A 285 -5.56 -19.07 5.67
C SER A 285 -5.38 -19.45 4.21
N ASP A 286 -5.22 -18.44 3.35
CA ASP A 286 -4.92 -18.66 1.95
C ASP A 286 -3.41 -18.66 1.65
N TRP A 287 -2.57 -18.89 2.67
CA TRP A 287 -1.14 -19.11 2.49
C TRP A 287 -0.80 -20.55 2.87
N PHE A 288 -0.16 -21.27 1.95
CA PHE A 288 -0.03 -22.72 2.06
C PHE A 288 1.20 -23.21 1.29
N LEU A 289 1.43 -24.52 1.37
CA LEU A 289 2.43 -25.22 0.57
C LEU A 289 1.82 -26.52 0.09
N LEU A 290 1.79 -26.72 -1.23
CA LEU A 290 1.18 -27.91 -1.81
C LEU A 290 2.21 -28.65 -2.67
N ASN A 291 2.19 -29.96 -2.58
CA ASN A 291 3.12 -30.79 -3.35
C ASN A 291 2.59 -31.05 -4.75
N ARG A 292 3.49 -31.50 -5.62
CA ARG A 292 3.19 -31.58 -7.04
C ARG A 292 2.04 -32.55 -7.32
N ARG A 293 1.97 -33.65 -6.57
CA ARG A 293 0.91 -34.62 -6.80
C ARG A 293 -0.46 -34.00 -6.61
N PHE A 294 -0.62 -33.16 -5.59
CA PHE A 294 -1.92 -32.53 -5.35
C PHE A 294 -2.21 -31.45 -6.39
N VAL A 295 -1.20 -30.69 -6.81
CA VAL A 295 -1.38 -29.68 -7.84
C VAL A 295 -1.78 -30.34 -9.16
N GLU A 296 -1.18 -31.49 -9.48
CA GLU A 296 -1.60 -32.22 -10.68
C GLU A 296 -3.06 -32.59 -10.60
N TYR A 297 -3.51 -33.10 -9.46
CA TYR A 297 -4.91 -33.49 -9.29
C TYR A 297 -5.84 -32.29 -9.49
N VAL A 298 -5.56 -31.18 -8.79
CA VAL A 298 -6.42 -30.01 -8.89
C VAL A 298 -6.49 -29.51 -10.33
N THR A 299 -5.37 -29.57 -11.05
CA THR A 299 -5.30 -28.93 -12.36
C THR A 299 -5.98 -29.77 -13.44
N PHE A 300 -5.79 -31.09 -13.44
CA PHE A 300 -6.18 -31.94 -14.56
C PHE A 300 -7.33 -32.90 -14.28
N SER A 301 -7.71 -33.12 -13.02
CA SER A 301 -8.78 -34.05 -12.73
C SER A 301 -10.11 -33.55 -13.29
N THR A 302 -10.94 -34.50 -13.76
CA THR A 302 -12.28 -34.19 -14.26
C THR A 302 -13.38 -34.85 -13.43
N ASP A 303 -13.08 -35.29 -12.21
CA ASP A 303 -14.08 -35.97 -11.40
C ASP A 303 -15.11 -34.97 -10.87
N ASP A 304 -16.14 -35.51 -10.21
CA ASP A 304 -17.28 -34.71 -9.79
C ASP A 304 -16.86 -33.61 -8.83
N LEU A 305 -15.88 -33.90 -7.97
CA LEU A 305 -15.49 -32.95 -6.93
C LEU A 305 -14.81 -31.71 -7.51
N VAL A 306 -13.80 -31.91 -8.35
CA VAL A 306 -13.03 -30.77 -8.86
C VAL A 306 -13.88 -29.92 -9.81
N THR A 307 -14.70 -30.56 -10.65
CA THR A 307 -15.48 -29.81 -11.63
C THR A 307 -16.47 -28.87 -10.97
N LYS A 308 -17.24 -29.38 -10.01
CA LYS A 308 -18.27 -28.56 -9.38
C LYS A 308 -17.68 -27.51 -8.46
N MET A 309 -16.55 -27.82 -7.82
CA MET A 309 -15.94 -26.85 -6.92
C MET A 309 -15.33 -25.67 -7.68
N LYS A 310 -14.79 -25.91 -8.88
CA LYS A 310 -14.31 -24.79 -9.68
C LYS A 310 -15.46 -23.88 -10.10
N GLN A 311 -16.62 -24.44 -10.39
CA GLN A 311 -17.78 -23.61 -10.73
C GLN A 311 -18.25 -22.83 -9.51
N PHE A 312 -18.39 -23.51 -8.37
CA PHE A 312 -18.84 -22.85 -7.15
C PHE A 312 -17.95 -21.67 -6.80
N TYR A 313 -16.62 -21.86 -6.83
CA TYR A 313 -15.71 -20.83 -6.36
C TYR A 313 -15.38 -19.76 -7.41
N SER A 314 -15.97 -19.82 -8.60
CA SER A 314 -15.86 -18.71 -9.54
C SER A 314 -16.69 -17.51 -9.11
N TYR A 315 -17.67 -17.70 -8.23
CA TYR A 315 -18.58 -16.67 -7.77
C TYR A 315 -18.53 -16.54 -6.25
N THR A 316 -17.32 -16.63 -5.70
CA THR A 316 -17.11 -16.66 -4.26
C THR A 316 -16.15 -15.56 -3.83
N LEU A 317 -16.49 -14.91 -2.72
CA LEU A 317 -15.60 -13.95 -2.07
C LEU A 317 -14.50 -14.71 -1.32
N LEU A 318 -13.28 -14.20 -1.40
CA LEU A 318 -12.13 -14.81 -0.73
C LEU A 318 -11.99 -16.31 -1.04
N PRO A 319 -12.01 -16.69 -2.31
CA PRO A 319 -12.10 -18.12 -2.64
C PRO A 319 -10.87 -18.93 -2.23
N ALA A 320 -9.67 -18.35 -2.31
CA ALA A 320 -8.46 -19.07 -1.95
C ALA A 320 -8.37 -19.41 -0.47
N GLU A 321 -9.25 -18.85 0.37
CA GLU A 321 -9.24 -19.19 1.79
C GLU A 321 -10.02 -20.46 2.10
N SER A 322 -10.70 -21.08 1.12
CA SER A 322 -11.40 -22.32 1.42
C SER A 322 -11.47 -23.32 0.27
N PHE A 323 -11.14 -22.91 -0.97
CA PHE A 323 -11.22 -23.85 -2.08
C PHE A 323 -10.27 -25.03 -1.88
N PHE A 324 -8.99 -24.75 -1.58
CA PHE A 324 -8.02 -25.84 -1.48
C PHE A 324 -8.24 -26.69 -0.24
N HIS A 325 -8.74 -26.10 0.84
CA HIS A 325 -9.08 -26.90 2.02
C HIS A 325 -10.23 -27.85 1.71
N THR A 326 -11.25 -27.35 1.00
CA THR A 326 -12.45 -28.14 0.74
C THR A 326 -12.18 -29.29 -0.22
N VAL A 327 -11.45 -29.03 -1.31
CA VAL A 327 -11.11 -30.08 -2.26
C VAL A 327 -10.31 -31.18 -1.58
N LEU A 328 -9.21 -30.82 -0.90
CA LEU A 328 -8.32 -31.83 -0.33
C LEU A 328 -9.07 -32.76 0.62
N GLU A 329 -9.83 -32.20 1.55
CA GLU A 329 -10.48 -33.02 2.57
C GLU A 329 -11.52 -33.96 1.98
N ASN A 330 -12.06 -33.63 0.81
CA ASN A 330 -13.06 -34.47 0.16
C ASN A 330 -12.49 -35.28 -1.00
N SER A 331 -11.19 -35.17 -1.27
CA SER A 331 -10.56 -35.81 -2.41
C SER A 331 -9.89 -37.11 -1.99
N PRO A 332 -9.36 -37.87 -2.95
CA PRO A 332 -8.58 -39.07 -2.58
C PRO A 332 -7.30 -38.76 -1.81
N HIS A 333 -6.81 -37.52 -1.83
CA HIS A 333 -5.59 -37.14 -1.13
C HIS A 333 -5.85 -36.63 0.28
N CYS A 334 -7.04 -36.87 0.84
CA CYS A 334 -7.42 -36.21 2.09
C CYS A 334 -6.49 -36.58 3.23
N ASP A 335 -5.85 -37.75 3.17
CA ASP A 335 -5.00 -38.21 4.27
C ASP A 335 -3.59 -37.62 4.26
N THR A 336 -3.31 -36.65 3.38
CA THR A 336 -2.00 -36.01 3.33
C THR A 336 -1.99 -34.63 3.97
N MET A 337 -3.08 -34.22 4.61
CA MET A 337 -3.21 -32.86 5.09
C MET A 337 -2.57 -32.70 6.47
N VAL A 338 -1.76 -31.65 6.61
CA VAL A 338 -1.22 -31.23 7.90
C VAL A 338 -1.89 -29.90 8.24
N ASP A 339 -2.50 -29.83 9.41
CA ASP A 339 -3.22 -28.62 9.82
C ASP A 339 -2.22 -27.59 10.36
N ASN A 340 -1.40 -27.09 9.44
CA ASN A 340 -0.36 -26.10 9.73
C ASN A 340 0.24 -25.60 8.42
N ASN A 341 0.15 -24.30 8.14
CA ASN A 341 0.68 -23.76 6.90
C ASN A 341 2.11 -23.25 7.05
N LEU A 342 2.75 -23.51 8.20
CA LEU A 342 4.13 -23.10 8.42
C LEU A 342 4.33 -21.60 8.33
N ARG A 343 3.32 -20.81 8.75
CA ARG A 343 3.40 -19.36 8.70
C ARG A 343 3.09 -18.76 10.06
N ILE A 344 3.63 -17.56 10.30
CA ILE A 344 3.23 -16.71 11.41
C ILE A 344 2.57 -15.46 10.83
N THR A 345 1.27 -15.31 11.09
CA THR A 345 0.50 -14.17 10.61
C THR A 345 0.20 -13.24 11.77
N ASN A 346 0.55 -11.96 11.60
CA ASN A 346 0.49 -10.98 12.69
C ASN A 346 -0.92 -10.40 12.83
N TRP A 347 -1.85 -11.28 13.19
CA TRP A 347 -3.22 -10.87 13.42
C TRP A 347 -3.32 -10.04 14.69
N ASN A 348 -4.06 -8.93 14.62
CA ASN A 348 -4.38 -8.04 15.72
C ASN A 348 -5.73 -7.46 15.34
N ARG A 349 -6.73 -8.34 15.38
CA ARG A 349 -8.06 -8.03 14.88
C ARG A 349 -8.67 -6.83 15.59
N LYS A 350 -8.15 -6.49 16.79
CA LYS A 350 -8.48 -5.24 17.46
C LYS A 350 -8.23 -4.01 16.58
N LEU A 351 -7.20 -4.06 15.73
CA LEU A 351 -6.85 -2.93 14.86
C LEU A 351 -7.07 -3.20 13.38
N GLY A 352 -7.03 -4.44 12.94
CA GLY A 352 -7.10 -4.75 11.53
C GLY A 352 -8.49 -4.99 10.99
N CYS A 353 -9.52 -5.01 11.84
CA CYS A 353 -10.89 -5.20 11.40
C CYS A 353 -11.62 -3.88 11.57
N LYS A 354 -11.57 -3.05 10.54
CA LYS A 354 -12.27 -1.76 10.52
C LYS A 354 -13.10 -1.60 9.25
N CYS A 355 -13.47 -2.72 8.60
CA CYS A 355 -14.24 -2.70 7.36
C CYS A 355 -13.66 -1.70 6.36
N GLN A 356 -12.33 -1.71 6.22
CA GLN A 356 -11.61 -0.72 5.44
C GLN A 356 -11.67 -1.00 3.93
N TYR A 357 -12.33 -2.08 3.51
CA TYR A 357 -12.44 -2.43 2.10
C TYR A 357 -13.85 -2.24 1.56
N LYS A 358 -14.68 -1.44 2.25
CA LYS A 358 -16.09 -1.32 1.87
C LYS A 358 -16.26 -0.73 0.48
N HIS A 359 -15.30 0.07 0.01
CA HIS A 359 -15.38 0.67 -1.31
C HIS A 359 -14.96 -0.27 -2.42
N ILE A 360 -14.38 -1.43 -2.10
CA ILE A 360 -13.92 -2.37 -3.11
C ILE A 360 -14.80 -3.62 -3.20
N VAL A 361 -15.37 -4.09 -2.09
CA VAL A 361 -16.20 -5.27 -2.06
C VAL A 361 -17.44 -5.00 -1.21
N ASP A 362 -18.52 -5.72 -1.50
CA ASP A 362 -19.76 -5.59 -0.74
C ASP A 362 -19.75 -6.50 0.49
N TRP A 363 -18.77 -6.25 1.36
CA TRP A 363 -18.53 -7.09 2.53
C TRP A 363 -17.49 -6.39 3.40
N CYS A 364 -17.41 -6.81 4.66
CA CYS A 364 -16.41 -6.28 5.59
C CYS A 364 -15.27 -7.28 5.75
N GLY A 365 -14.03 -6.78 5.65
CA GLY A 365 -12.85 -7.62 5.71
C GLY A 365 -11.87 -7.20 6.79
N CYS A 366 -10.87 -8.05 7.00
CA CYS A 366 -9.78 -7.80 7.94
C CYS A 366 -8.46 -8.13 7.26
N SER A 367 -7.36 -7.69 7.86
CA SER A 367 -6.03 -8.02 7.36
C SER A 367 -5.02 -7.92 8.51
N PRO A 368 -3.91 -8.63 8.41
CA PRO A 368 -2.93 -8.65 9.51
C PRO A 368 -2.10 -7.36 9.58
N ASN A 369 -1.54 -7.13 10.76
CA ASN A 369 -0.75 -5.94 11.05
C ASN A 369 0.70 -6.13 10.64
N ASP A 370 1.45 -5.03 10.63
CA ASP A 370 2.88 -5.06 10.34
C ASP A 370 3.69 -5.36 11.60
N PHE A 371 4.76 -6.15 11.45
CA PHE A 371 5.61 -6.46 12.57
C PHE A 371 6.45 -5.24 12.98
N LYS A 372 6.75 -5.16 14.27
CA LYS A 372 7.61 -4.10 14.81
C LYS A 372 8.80 -4.73 15.54
N PRO A 373 9.80 -3.94 15.92
CA PRO A 373 10.98 -4.54 16.57
C PRO A 373 10.69 -5.33 17.84
N GLN A 374 9.68 -4.96 18.63
CA GLN A 374 9.40 -5.71 19.85
C GLN A 374 8.89 -7.12 19.59
N ASP A 375 8.54 -7.45 18.35
CA ASP A 375 8.02 -8.76 17.98
C ASP A 375 9.11 -9.76 17.61
N PHE A 376 10.38 -9.35 17.63
CA PHE A 376 11.44 -10.21 17.11
C PHE A 376 11.47 -11.57 17.80
N HIS A 377 11.22 -11.60 19.11
CA HIS A 377 11.30 -12.85 19.85
C HIS A 377 10.28 -13.87 19.38
N ARG A 378 9.22 -13.43 18.70
CA ARG A 378 8.20 -14.34 18.22
C ARG A 378 8.72 -15.23 17.09
N PHE A 379 9.72 -14.74 16.37
CA PHE A 379 10.29 -15.51 15.27
C PHE A 379 11.16 -16.66 15.76
N GLN A 380 11.43 -16.72 17.07
CA GLN A 380 12.30 -17.73 17.66
C GLN A 380 11.54 -18.83 18.40
N GLN A 381 10.21 -18.87 18.27
CA GLN A 381 9.44 -19.87 18.98
C GLN A 381 9.77 -21.27 18.45
N THR A 382 9.56 -22.27 19.30
CA THR A 382 9.87 -23.66 18.96
C THR A 382 8.65 -24.56 19.11
N ALA A 383 7.47 -24.00 19.40
CA ALA A 383 6.27 -24.81 19.58
C ALA A 383 5.96 -25.64 18.34
N ARG A 384 5.90 -24.98 17.19
CA ARG A 384 5.63 -25.64 15.92
C ARG A 384 6.61 -25.14 14.88
N PRO A 385 6.82 -25.91 13.81
CA PRO A 385 7.73 -25.45 12.76
C PRO A 385 7.10 -24.34 11.92
N THR A 386 7.84 -23.26 11.73
CA THR A 386 7.42 -22.12 10.93
C THR A 386 8.61 -21.64 10.12
N PHE A 387 8.36 -21.20 8.89
CA PHE A 387 9.43 -20.79 7.99
C PHE A 387 9.23 -19.42 7.37
N PHE A 388 8.03 -18.83 7.45
CA PHE A 388 7.77 -17.51 6.91
C PHE A 388 6.86 -16.77 7.87
N ALA A 389 6.81 -15.46 7.68
CA ALA A 389 5.97 -14.59 8.50
C ALA A 389 5.55 -13.40 7.64
N ARG A 390 4.52 -12.71 8.13
CA ARG A 390 3.95 -11.53 7.49
C ARG A 390 3.19 -10.78 8.57
N LYS A 391 3.00 -9.47 8.43
CA LYS A 391 3.46 -8.57 7.36
C LYS A 391 4.70 -7.71 7.65
N PHE A 392 5.43 -7.29 6.61
CA PHE A 392 6.51 -6.30 6.74
C PHE A 392 6.29 -5.11 5.80
N GLU A 393 6.56 -3.90 6.31
CA GLU A 393 6.48 -2.71 5.46
C GLU A 393 7.68 -1.84 5.79
N ALA A 394 8.50 -1.53 4.78
CA ALA A 394 9.72 -0.75 5.00
C ALA A 394 9.44 0.72 5.31
N VAL A 395 8.37 1.27 4.73
CA VAL A 395 8.00 2.66 5.04
C VAL A 395 7.31 2.78 6.40
N VAL A 396 6.96 1.67 7.02
CA VAL A 396 6.37 1.66 8.35
C VAL A 396 7.40 1.34 9.43
N ASN A 397 8.23 0.31 9.20
CA ASN A 397 9.28 -0.01 10.16
C ASN A 397 10.28 -0.96 9.51
N GLN A 398 11.50 -0.45 9.27
CA GLN A 398 12.56 -1.23 8.64
C GLN A 398 13.48 -1.92 9.65
N GLU A 399 13.56 -1.43 10.88
CA GLU A 399 14.48 -1.99 11.87
C GLU A 399 14.26 -3.49 12.06
N ILE A 400 13.00 -3.91 12.18
CA ILE A 400 12.72 -5.33 12.42
C ILE A 400 13.11 -6.16 11.22
N ILE A 401 12.98 -5.61 10.01
CA ILE A 401 13.42 -6.33 8.82
C ILE A 401 14.94 -6.53 8.87
N GLY A 402 15.66 -5.46 9.21
CA GLY A 402 17.11 -5.56 9.33
C GLY A 402 17.54 -6.56 10.40
N GLN A 403 16.93 -6.48 11.59
CA GLN A 403 17.22 -7.43 12.65
C GLN A 403 17.10 -8.87 12.14
N LEU A 404 16.02 -9.15 11.42
CA LEU A 404 15.72 -10.50 10.97
C LEU A 404 16.72 -11.00 9.93
N ASP A 405 17.10 -10.12 9.00
CA ASP A 405 17.99 -10.51 7.92
C ASP A 405 19.40 -10.84 8.43
N TYR A 406 19.93 -10.02 9.33
CA TYR A 406 21.26 -10.28 9.87
C TYR A 406 21.27 -11.51 10.78
N TYR A 407 20.15 -11.78 11.46
CA TYR A 407 20.06 -12.96 12.32
C TYR A 407 20.13 -14.26 11.54
N LEU A 408 19.58 -14.28 10.32
CA LEU A 408 19.59 -15.50 9.51
C LEU A 408 20.87 -15.66 8.71
N TYR A 409 21.42 -14.56 8.20
CA TYR A 409 22.52 -14.63 7.24
C TYR A 409 23.72 -13.74 7.59
N GLY A 410 23.77 -13.18 8.80
CA GLY A 410 24.94 -12.47 9.27
C GLY A 410 24.98 -11.00 8.86
N ASN A 411 25.80 -10.24 9.58
CA ASN A 411 25.96 -8.82 9.33
C ASN A 411 26.64 -8.57 7.99
N TYR A 412 26.41 -7.37 7.45
CA TYR A 412 27.16 -6.90 6.30
C TYR A 412 28.53 -6.39 6.72
N PRO A 413 29.50 -6.34 5.80
CA PRO A 413 30.84 -5.87 6.16
C PRO A 413 30.79 -4.44 6.70
N ALA A 414 31.69 -4.15 7.64
CA ALA A 414 31.77 -2.80 8.17
C ALA A 414 32.03 -1.81 7.04
N GLY A 415 31.39 -0.65 7.13
CA GLY A 415 31.47 0.35 6.08
C GLY A 415 30.49 0.19 4.94
N THR A 416 29.55 -0.74 5.03
CA THR A 416 28.54 -0.89 3.98
C THR A 416 27.58 0.29 4.05
N PRO A 417 27.33 0.99 2.95
CA PRO A 417 26.44 2.16 3.00
C PRO A 417 24.97 1.82 2.81
N GLY A 418 24.13 2.71 3.34
CA GLY A 418 22.70 2.66 3.08
C GLY A 418 21.92 1.67 3.91
N LEU A 419 22.52 1.01 4.90
CA LEU A 419 21.84 -0.05 5.61
C LEU A 419 20.64 0.46 6.39
N ARG A 420 20.68 1.70 6.86
CA ARG A 420 19.60 2.26 7.66
C ARG A 420 18.67 3.18 6.85
N SER A 421 18.84 3.24 5.53
CA SER A 421 18.05 4.10 4.66
C SER A 421 17.03 3.30 3.86
N TYR A 422 16.04 4.00 3.32
CA TYR A 422 15.05 3.36 2.45
C TYR A 422 14.57 4.35 1.40
N TRP A 423 14.52 3.90 0.15
CA TRP A 423 14.04 4.69 -0.98
C TRP A 423 12.86 3.98 -1.63
N GLU A 424 11.81 4.73 -1.95
CA GLU A 424 10.62 4.18 -2.59
C GLU A 424 10.11 5.13 -3.66
N ASN A 425 10.06 4.65 -4.90
CA ASN A 425 9.64 5.46 -6.03
C ASN A 425 8.12 5.64 -6.01
N VAL A 426 7.67 6.89 -6.05
CA VAL A 426 6.24 7.21 -6.06
C VAL A 426 5.80 7.87 -7.34
N TYR A 427 6.71 8.17 -8.26
CA TYR A 427 6.35 8.56 -9.62
C TYR A 427 7.48 8.27 -10.58
N ASP A 428 7.14 7.71 -11.74
CA ASP A 428 8.14 7.40 -12.75
C ASP A 428 7.60 7.92 -14.08
N GLU A 429 8.40 8.69 -14.80
CA GLU A 429 7.93 9.35 -16.02
C GLU A 429 7.19 8.42 -16.97
N PRO A 430 7.66 7.19 -17.26
CA PRO A 430 6.98 6.38 -18.27
C PRO A 430 5.50 6.17 -17.99
N ASP A 431 5.05 6.40 -16.76
CA ASP A 431 3.64 6.20 -16.42
C ASP A 431 2.78 7.43 -16.72
N GLY A 432 3.41 8.58 -16.99
CA GLY A 432 2.75 9.77 -17.52
C GLY A 432 2.18 10.67 -16.45
N ILE A 433 2.17 11.98 -16.76
CA ILE A 433 1.70 12.98 -15.81
C ILE A 433 0.20 12.89 -15.54
N HIS A 434 -0.56 12.23 -16.42
CA HIS A 434 -1.99 12.05 -16.13
C HIS A 434 -2.23 11.02 -15.04
N SER A 435 -1.24 10.20 -14.72
CA SER A 435 -1.34 9.31 -13.57
C SER A 435 -1.09 10.05 -12.26
N LEU A 436 -0.51 11.25 -12.33
CA LEU A 436 -0.43 12.13 -11.18
C LEU A 436 -1.71 12.95 -11.07
N SER A 437 -1.82 13.69 -9.98
CA SER A 437 -2.90 14.65 -9.80
C SER A 437 -2.40 16.07 -10.01
N ASP A 438 -3.34 17.00 -10.13
CA ASP A 438 -2.99 18.40 -10.26
C ASP A 438 -2.21 18.88 -9.03
N VAL A 439 -2.55 18.36 -7.85
CA VAL A 439 -1.84 18.72 -6.63
C VAL A 439 -0.37 18.32 -6.70
N THR A 440 -0.12 17.01 -6.88
CA THR A 440 1.26 16.54 -6.83
C THR A 440 2.07 17.13 -7.98
N LEU A 441 1.46 17.24 -9.15
CA LEU A 441 2.17 17.85 -10.28
C LEU A 441 2.58 19.29 -9.93
N THR A 442 1.65 20.06 -9.37
CA THR A 442 1.97 21.44 -8.99
C THR A 442 3.12 21.50 -7.98
N LEU A 443 3.08 20.67 -6.94
CA LEU A 443 4.08 20.78 -5.86
C LEU A 443 5.41 20.16 -6.23
N TYR A 444 5.42 19.05 -6.97
CA TYR A 444 6.68 18.50 -7.43
C TYR A 444 7.43 19.50 -8.30
N HIS A 445 6.70 20.25 -9.13
CA HIS A 445 7.34 21.34 -9.88
C HIS A 445 7.93 22.37 -8.92
N SER A 446 7.21 22.70 -7.86
CA SER A 446 7.70 23.71 -6.92
C SER A 446 8.95 23.23 -6.19
N PHE A 447 8.96 21.97 -5.73
CA PHE A 447 10.14 21.44 -5.07
C PHE A 447 11.37 21.52 -5.96
N ALA A 448 11.21 21.23 -7.25
CA ALA A 448 12.34 21.31 -8.18
C ALA A 448 12.88 22.74 -8.26
N ARG A 449 11.98 23.72 -8.37
CA ARG A 449 12.41 25.11 -8.42
C ARG A 449 13.09 25.53 -7.12
N LEU A 450 12.63 25.00 -5.98
CA LEU A 450 13.28 25.30 -4.70
C LEU A 450 14.72 24.83 -4.71
N GLY A 451 15.00 23.70 -5.36
CA GLY A 451 16.37 23.21 -5.44
C GLY A 451 17.25 24.05 -6.36
N LEU A 452 16.69 24.51 -7.47
CA LEU A 452 17.46 25.33 -8.40
C LEU A 452 17.88 26.65 -7.75
N ARG A 453 17.02 27.22 -6.90
CA ARG A 453 17.41 28.45 -6.20
C ARG A 453 18.49 28.20 -5.15
N ARG A 454 18.51 27.01 -4.54
CA ARG A 454 19.60 26.67 -3.61
C ARG A 454 20.95 26.66 -4.33
N ALA A 455 20.99 26.03 -5.51
CA ALA A 455 22.25 25.92 -6.24
C ALA A 455 22.83 27.30 -6.55
N GLU A 456 21.99 28.23 -6.98
CA GLU A 456 22.47 29.56 -7.34
C GLU A 456 23.10 30.25 -6.13
N THR A 457 22.40 30.21 -4.99
CA THR A 457 22.87 30.92 -3.80
C THR A 457 24.09 30.27 -3.17
N SER A 458 24.38 29.00 -3.47
CA SER A 458 25.49 28.32 -2.82
C SER A 458 26.84 28.64 -3.45
N LEU A 459 26.87 29.30 -4.59
CA LEU A 459 28.11 29.73 -5.23
C LEU A 459 28.32 31.21 -4.94
N HIS A 460 29.49 31.54 -4.38
CA HIS A 460 29.81 32.90 -3.95
C HIS A 460 30.83 33.48 -4.92
N THR A 461 30.38 34.36 -5.81
CA THR A 461 31.24 34.96 -6.83
C THR A 461 30.71 36.34 -7.19
N ASP A 462 31.60 37.16 -7.75
CA ASP A 462 31.23 38.44 -8.31
C ASP A 462 31.22 38.43 -9.83
N GLY A 463 31.61 37.33 -10.45
CA GLY A 463 31.52 37.15 -11.88
C GLY A 463 30.24 36.46 -12.28
N GLU A 464 30.27 35.80 -13.43
CA GLU A 464 29.10 35.06 -13.89
C GLU A 464 28.85 33.88 -12.97
N ASN A 465 27.60 33.73 -12.53
CA ASN A 465 27.20 32.63 -11.68
C ASN A 465 26.98 31.40 -12.56
N SER A 466 27.86 30.40 -12.44
CA SER A 466 27.75 29.17 -13.20
C SER A 466 26.90 28.12 -12.50
N CYS A 467 25.99 28.55 -11.62
CA CYS A 467 25.04 27.66 -10.97
C CYS A 467 23.62 28.20 -11.10
N ARG A 468 23.37 28.98 -12.15
CA ARG A 468 22.04 29.47 -12.48
C ARG A 468 21.40 28.55 -13.51
N TYR A 469 20.18 28.10 -13.24
CA TYR A 469 19.52 27.11 -14.08
C TYR A 469 18.13 27.58 -14.49
N TYR A 470 17.65 27.06 -15.62
CA TYR A 470 16.29 27.29 -16.08
C TYR A 470 15.60 25.93 -16.22
N PRO A 471 14.47 25.70 -15.56
CA PRO A 471 13.88 24.35 -15.58
C PRO A 471 13.24 23.99 -16.91
N MET A 472 13.27 22.69 -17.23
CA MET A 472 12.74 22.17 -18.49
C MET A 472 11.86 20.96 -18.22
N GLY A 473 10.70 20.93 -18.88
CA GLY A 473 9.80 19.79 -18.89
C GLY A 473 9.30 19.46 -17.50
N HIS A 474 8.94 18.19 -17.31
CA HIS A 474 8.32 17.75 -16.07
C HIS A 474 9.23 16.81 -15.30
N PRO A 475 8.97 16.61 -14.00
CA PRO A 475 9.83 15.71 -13.21
C PRO A 475 9.89 14.31 -13.80
N ALA A 476 11.08 13.72 -13.77
CA ALA A 476 11.27 12.38 -14.30
C ALA A 476 10.93 11.28 -13.30
N SER A 477 11.19 11.51 -12.01
CA SER A 477 10.81 10.54 -10.98
C SER A 477 10.78 11.24 -9.63
N VAL A 478 10.08 10.63 -8.68
CA VAL A 478 9.99 11.10 -7.31
C VAL A 478 10.14 9.91 -6.36
N HIS A 479 10.91 10.10 -5.29
CA HIS A 479 11.17 9.05 -4.31
C HIS A 479 10.84 9.56 -2.90
N LEU A 480 10.30 8.65 -2.07
CA LEU A 480 10.28 8.85 -0.63
C LEU A 480 11.66 8.48 -0.05
N TYR A 481 12.09 9.22 0.96
CA TYR A 481 13.42 9.01 1.54
C TYR A 481 13.28 8.83 3.05
N PHE A 482 13.72 7.68 3.56
CA PHE A 482 13.69 7.39 4.99
C PHE A 482 15.11 7.13 5.50
N LEU A 483 15.36 7.56 6.74
CA LEU A 483 16.61 7.30 7.43
C LEU A 483 16.28 6.92 8.87
N ALA A 484 16.70 5.73 9.28
CA ALA A 484 16.46 5.23 10.64
C ALA A 484 14.98 5.29 10.99
N ASP A 485 14.12 4.91 10.04
CA ASP A 485 12.67 4.85 10.24
C ASP A 485 12.08 6.23 10.52
N ARG A 486 12.76 7.28 10.05
CA ARG A 486 12.24 8.64 10.12
C ARG A 486 12.11 9.19 8.71
N PHE A 487 10.92 9.68 8.37
CA PHE A 487 10.67 10.23 7.05
C PHE A 487 11.51 11.50 6.84
N GLN A 488 12.25 11.54 5.72
CA GLN A 488 13.17 12.64 5.43
C GLN A 488 12.68 13.61 4.34
N GLY A 489 11.67 13.24 3.56
CA GLY A 489 11.15 14.10 2.52
C GLY A 489 11.15 13.44 1.15
N PHE A 490 11.22 14.28 0.11
CA PHE A 490 11.14 13.83 -1.27
C PHE A 490 12.46 14.04 -2.01
N LEU A 491 12.72 13.15 -2.99
CA LEU A 491 13.80 13.33 -3.95
C LEU A 491 13.19 13.48 -5.34
N ILE A 492 13.49 14.59 -6.01
CA ILE A 492 12.93 14.92 -7.32
C ILE A 492 14.07 14.92 -8.33
N LYS A 493 13.93 14.11 -9.38
CA LYS A 493 14.83 14.15 -10.53
C LYS A 493 14.20 15.03 -11.59
N HIS A 494 14.98 15.95 -12.14
CA HIS A 494 14.44 16.92 -13.08
C HIS A 494 15.54 17.45 -13.98
N HIS A 495 15.13 17.99 -15.12
CA HIS A 495 16.05 18.53 -16.11
C HIS A 495 16.05 20.05 -16.08
N ALA A 496 17.21 20.63 -16.37
CA ALA A 496 17.36 22.08 -16.36
C ALA A 496 18.56 22.46 -17.22
N THR A 497 18.50 23.68 -17.77
CA THR A 497 19.58 24.23 -18.57
C THR A 497 20.50 25.05 -17.68
N ASN A 498 21.80 24.74 -17.72
CA ASN A 498 22.81 25.58 -17.08
C ASN A 498 23.03 26.81 -17.93
N LEU A 499 22.65 27.98 -17.41
CA LEU A 499 22.60 29.20 -18.22
C LEU A 499 23.98 29.75 -18.56
N ALA A 500 25.02 29.40 -17.80
CA ALA A 500 26.35 29.91 -18.12
C ALA A 500 26.87 29.29 -19.41
N VAL A 501 26.78 27.96 -19.52
CA VAL A 501 27.23 27.24 -20.71
C VAL A 501 26.09 26.88 -21.67
N SER A 502 24.84 27.11 -21.29
CA SER A 502 23.71 26.87 -22.19
C SER A 502 23.61 25.38 -22.54
N LYS A 503 23.63 24.54 -21.49
CA LYS A 503 23.63 23.09 -21.68
C LYS A 503 22.64 22.44 -20.74
N LEU A 504 21.97 21.40 -21.23
CA LEU A 504 21.02 20.65 -20.43
C LEU A 504 21.72 19.77 -19.39
N GLU A 505 21.18 19.74 -18.18
CA GLU A 505 21.72 18.93 -17.10
C GLU A 505 20.59 18.23 -16.36
N THR A 506 20.88 17.05 -15.81
CA THR A 506 19.93 16.28 -15.03
C THR A 506 20.35 16.30 -13.57
N LEU A 507 19.42 16.64 -12.68
CA LEU A 507 19.73 16.90 -11.27
C LEU A 507 18.75 16.14 -10.39
N GLU A 508 19.12 15.97 -9.13
CA GLU A 508 18.21 15.45 -8.12
C GLU A 508 18.25 16.36 -6.89
N THR A 509 17.07 16.70 -6.38
CA THR A 509 16.92 17.63 -5.28
C THR A 509 16.26 16.95 -4.09
N TRP A 510 16.77 17.23 -2.90
CA TRP A 510 16.22 16.71 -1.65
C TRP A 510 15.54 17.86 -0.94
N VAL A 511 14.22 17.76 -0.74
CA VAL A 511 13.46 18.75 0.00
C VAL A 511 12.91 18.09 1.26
N MET A 512 12.91 18.84 2.36
CA MET A 512 12.51 18.34 3.66
C MET A 512 11.53 19.29 4.33
N PRO A 513 10.47 18.77 4.97
CA PRO A 513 9.50 19.66 5.60
C PRO A 513 10.02 20.27 6.88
N LYS A 514 9.67 21.54 7.09
CA LYS A 514 10.02 22.24 8.32
C LYS A 514 9.16 21.76 9.48
N LYS A 515 9.76 21.66 10.66
CA LYS A 515 9.01 21.30 11.86
C LYS A 515 8.04 22.41 12.24
N VAL A 516 6.80 22.03 12.58
CA VAL A 516 5.77 23.04 12.82
C VAL A 516 4.98 22.76 14.09
N PHE A 517 5.14 21.58 14.66
CA PHE A 517 4.46 21.24 15.92
C PHE A 517 5.17 21.96 17.07
N LYS A 518 4.37 22.66 17.89
CA LYS A 518 4.87 23.50 18.98
C LYS A 518 3.97 23.28 20.20
N ILE A 519 4.57 22.83 21.30
CA ILE A 519 3.85 22.63 22.56
C ILE A 519 3.92 23.88 23.43
N ASP A 525 2.53 22.15 33.99
CA ASP A 525 1.74 21.85 32.80
C ASP A 525 2.26 20.58 32.11
N PHE A 526 1.96 19.43 32.71
CA PHE A 526 2.44 18.14 32.21
C PHE A 526 1.21 17.35 31.73
N GLY A 527 0.80 17.64 30.50
CA GLY A 527 -0.39 17.02 29.93
C GLY A 527 -0.11 15.66 29.32
N ARG A 528 -1.10 15.19 28.57
CA ARG A 528 -1.07 13.89 27.92
C ARG A 528 -0.70 13.95 26.43
N LEU A 529 -0.86 15.11 25.80
CA LEU A 529 -0.62 15.22 24.36
C LEU A 529 0.84 15.01 24.01
N GLN A 530 1.07 14.23 22.96
CA GLN A 530 2.40 13.93 22.46
C GLN A 530 2.68 14.47 21.07
N PHE A 531 1.67 14.57 20.21
CA PHE A 531 1.86 15.01 18.84
C PHE A 531 0.51 15.29 18.22
N SER A 532 0.51 16.17 17.20
CA SER A 532 -0.69 16.51 16.46
C SER A 532 -0.28 16.75 15.01
N GLU A 533 -1.13 16.34 14.07
CA GLU A 533 -0.76 16.39 12.67
C GLU A 533 -2.03 16.44 11.82
N VAL A 534 -1.90 17.07 10.65
CA VAL A 534 -2.99 17.17 9.68
C VAL A 534 -2.54 16.51 8.38
N GLY A 535 -3.43 15.73 7.79
CA GLY A 535 -3.14 15.07 6.55
C GLY A 535 -4.38 14.44 5.94
N THR A 536 -4.15 13.54 4.99
CA THR A 536 -5.22 12.79 4.35
C THR A 536 -4.79 11.33 4.23
N ASP A 537 -5.77 10.46 4.00
CA ASP A 537 -5.56 9.03 3.84
C ASP A 537 -4.97 8.41 5.10
N TRP A 538 -5.71 8.61 6.20
CA TRP A 538 -5.31 8.06 7.49
C TRP A 538 -5.52 6.55 7.51
N ASP A 539 -4.46 5.82 7.87
CA ASP A 539 -4.53 4.36 7.95
C ASP A 539 -4.84 3.97 9.39
N ALA A 540 -6.09 3.53 9.63
CA ALA A 540 -6.51 3.24 10.99
C ALA A 540 -5.82 2.01 11.56
N LYS A 541 -5.38 1.08 10.71
CA LYS A 541 -4.72 -0.12 11.20
C LYS A 541 -3.29 0.16 11.64
N GLU A 542 -2.53 0.86 10.80
CA GLU A 542 -1.15 1.19 11.12
C GLU A 542 -1.00 2.54 11.82
N ARG A 543 -2.09 3.30 11.97
CA ARG A 543 -2.07 4.55 12.71
C ARG A 543 -1.04 5.53 12.13
N LEU A 544 -1.25 5.88 10.85
CA LEU A 544 -0.39 6.84 10.18
C LEU A 544 -1.09 7.35 8.94
N PHE A 545 -0.62 8.50 8.45
CA PHE A 545 -1.08 9.07 7.20
C PHE A 545 -0.29 8.47 6.03
N ARG A 546 -1.00 7.93 5.05
CA ARG A 546 -0.33 7.39 3.88
C ARG A 546 0.01 8.46 2.85
N ASN A 547 -0.51 9.69 3.01
CA ASN A 547 -0.04 10.87 2.28
C ASN A 547 1.13 11.45 3.06
N PHE A 548 2.31 10.87 2.83
CA PHE A 548 3.45 11.10 3.72
C PHE A 548 3.83 12.57 3.77
N GLY A 549 3.80 13.25 2.63
CA GLY A 549 4.20 14.65 2.60
C GLY A 549 3.15 15.62 3.07
N GLY A 550 1.95 15.15 3.37
CA GLY A 550 0.87 16.07 3.71
C GLY A 550 0.54 17.03 2.59
N LEU A 551 0.60 16.57 1.35
CA LEU A 551 0.31 17.43 0.20
C LEU A 551 -1.19 17.61 0.08
N LEU A 552 -1.62 18.87 -0.01
CA LEU A 552 -3.02 19.22 0.01
C LEU A 552 -3.32 20.32 -0.99
N GLY A 553 -4.50 20.26 -1.59
CA GLY A 553 -4.99 21.30 -2.47
C GLY A 553 -6.27 21.93 -1.94
N PRO A 554 -6.80 22.93 -2.66
CA PRO A 554 -7.98 23.63 -2.14
C PRO A 554 -9.22 22.75 -2.04
N MET A 555 -9.35 21.71 -2.86
CA MET A 555 -10.51 20.83 -2.84
C MET A 555 -10.31 19.59 -1.97
N ASP A 556 -9.26 19.55 -1.15
CA ASP A 556 -9.03 18.43 -0.26
C ASP A 556 -9.77 18.62 1.06
N GLU A 557 -9.99 17.50 1.76
CA GLU A 557 -10.75 17.47 3.02
C GLU A 557 -9.81 17.02 4.12
N PRO A 558 -9.11 17.94 4.79
CA PRO A 558 -8.07 17.53 5.73
C PRO A 558 -8.64 16.78 6.94
N VAL A 559 -7.78 15.96 7.55
CA VAL A 559 -8.11 15.20 8.76
C VAL A 559 -7.10 15.57 9.83
N GLY A 560 -7.57 15.89 11.02
CA GLY A 560 -6.71 16.19 12.15
C GLY A 560 -6.56 14.98 13.06
N MET A 561 -5.32 14.69 13.42
CA MET A 561 -5.01 13.55 14.28
C MET A 561 -4.22 14.02 15.50
N GLN A 562 -4.47 13.35 16.63
CA GLN A 562 -3.73 13.60 17.85
C GLN A 562 -3.26 12.27 18.44
N LYS A 563 -2.10 12.31 19.08
CA LYS A 563 -1.50 11.14 19.71
C LYS A 563 -1.28 11.43 21.19
N TRP A 564 -1.74 10.51 22.04
CA TRP A 564 -1.78 10.73 23.48
C TRP A 564 -1.01 9.64 24.20
N GLY A 565 -0.44 10.03 25.35
CA GLY A 565 0.17 9.08 26.27
C GLY A 565 -0.79 8.66 27.37
N LYS A 566 -0.29 7.81 28.26
CA LYS A 566 -1.11 7.30 29.34
C LYS A 566 -1.45 8.42 30.32
N GLY A 567 -2.53 8.22 31.07
CA GLY A 567 -2.96 9.17 32.06
C GLY A 567 -4.47 9.17 32.22
N PRO A 568 -4.97 9.98 33.15
CA PRO A 568 -6.42 10.03 33.39
C PRO A 568 -7.18 10.61 32.21
N ASN A 569 -8.49 10.42 32.24
CA ASN A 569 -9.35 10.95 31.19
C ASN A 569 -9.33 12.48 31.19
N VAL A 570 -9.39 13.06 29.99
CA VAL A 570 -9.35 14.51 29.81
C VAL A 570 -10.19 14.86 28.59
N THR A 571 -10.66 16.12 28.57
CA THR A 571 -11.42 16.67 27.46
C THR A 571 -10.70 17.91 26.93
N VAL A 572 -10.59 18.02 25.60
CA VAL A 572 -9.87 19.14 25.01
C VAL A 572 -10.71 19.77 23.90
N THR A 573 -10.30 20.97 23.49
CA THR A 573 -10.95 21.73 22.43
C THR A 573 -10.02 21.90 21.23
N VAL A 574 -10.59 21.84 20.02
CA VAL A 574 -9.83 21.96 18.78
C VAL A 574 -10.39 23.12 17.97
N ILE A 575 -9.49 23.98 17.48
CA ILE A 575 -9.86 25.16 16.69
C ILE A 575 -9.07 25.11 15.39
N TRP A 576 -9.77 25.30 14.26
CA TRP A 576 -9.16 25.41 12.95
C TRP A 576 -9.20 26.86 12.45
N VAL A 577 -8.04 27.37 12.01
CA VAL A 577 -7.89 28.77 11.62
C VAL A 577 -7.29 28.80 10.21
N ASP A 578 -7.89 29.59 9.33
CA ASP A 578 -7.45 29.69 7.94
C ASP A 578 -6.49 30.86 7.76
N PRO A 579 -5.89 30.99 6.58
CA PRO A 579 -4.75 31.92 6.42
C PRO A 579 -5.06 33.39 6.67
N VAL A 580 -6.34 33.79 6.73
CA VAL A 580 -6.67 35.18 7.00
C VAL A 580 -7.46 35.28 8.30
N ASN A 581 -7.17 34.37 9.23
CA ASN A 581 -7.64 34.39 10.61
C ASN A 581 -9.12 34.05 10.77
N VAL A 582 -9.75 33.47 9.75
CA VAL A 582 -11.12 32.98 9.89
C VAL A 582 -11.12 31.65 10.63
N ILE A 583 -11.95 31.55 11.66
CA ILE A 583 -12.09 30.33 12.45
C ILE A 583 -13.12 29.45 11.76
N ALA A 584 -12.68 28.30 11.26
CA ALA A 584 -13.54 27.43 10.44
C ALA A 584 -14.35 26.43 11.25
N ALA A 585 -13.86 26.01 12.42
CA ALA A 585 -14.57 24.99 13.18
C ALA A 585 -14.04 24.94 14.61
N THR A 586 -14.91 24.52 15.53
CA THR A 586 -14.55 24.31 16.93
C THR A 586 -15.32 23.10 17.44
N TYR A 587 -14.66 22.27 18.25
CA TYR A 587 -15.33 21.11 18.83
C TYR A 587 -14.49 20.55 19.96
N ASP A 588 -15.16 19.91 20.92
CA ASP A 588 -14.51 19.25 22.03
C ASP A 588 -14.43 17.75 21.79
N ILE A 589 -13.36 17.13 22.28
CA ILE A 589 -13.16 15.69 22.20
C ILE A 589 -12.90 15.15 23.60
N LEU A 590 -13.36 13.92 23.84
CA LEU A 590 -13.04 13.18 25.05
C LEU A 590 -11.84 12.26 24.82
N ILE A 591 -10.82 12.40 25.65
CA ILE A 591 -9.62 11.56 25.58
C ILE A 591 -9.71 10.57 26.75
N GLU A 592 -10.25 9.39 26.48
CA GLU A 592 -10.41 8.39 27.52
C GLU A 592 -9.05 7.93 28.05
N SER A 593 -9.07 7.34 29.25
CA SER A 593 -7.84 6.93 29.91
C SER A 593 -7.02 5.99 29.04
N THR A 594 -7.67 5.16 28.24
CA THR A 594 -7.00 4.16 27.43
C THR A 594 -6.70 4.65 26.01
N ALA A 595 -7.04 5.90 25.69
CA ALA A 595 -6.87 6.41 24.34
C ALA A 595 -5.39 6.61 24.01
N GLU A 596 -5.02 6.22 22.79
CA GLU A 596 -3.69 6.42 22.26
C GLU A 596 -3.67 7.33 21.04
N PHE A 597 -4.68 7.22 20.18
CA PHE A 597 -4.84 8.09 19.01
C PHE A 597 -6.29 8.53 18.88
N THR A 598 -6.49 9.78 18.47
CA THR A 598 -7.80 10.29 18.12
C THR A 598 -7.69 11.06 16.81
N HIS A 599 -8.78 11.08 16.04
CA HIS A 599 -8.78 11.80 14.77
C HIS A 599 -10.20 12.15 14.37
N TYR A 600 -10.34 13.22 13.58
CA TYR A 600 -11.66 13.68 13.16
C TYR A 600 -11.52 14.54 11.91
N LYS A 601 -12.48 14.40 10.99
CA LYS A 601 -12.52 15.15 9.74
C LYS A 601 -13.61 16.21 9.77
N PRO A 602 -13.31 17.47 10.03
CA PRO A 602 -14.37 18.50 10.14
C PRO A 602 -15.01 18.77 8.79
N PRO A 603 -16.33 18.99 8.75
CA PRO A 603 -17.02 19.26 7.48
C PRO A 603 -16.90 20.69 6.99
N LEU A 604 -15.95 20.95 6.09
CA LEU A 604 -15.65 22.30 5.62
C LEU A 604 -16.09 22.44 4.17
N ASN A 605 -16.89 23.48 3.89
CA ASN A 605 -17.29 23.78 2.53
C ASN A 605 -16.06 24.08 1.69
N LEU A 606 -16.08 23.62 0.44
CA LEU A 606 -14.96 23.77 -0.48
C LEU A 606 -15.25 24.85 -1.51
N PRO A 607 -14.21 25.43 -2.13
CA PRO A 607 -12.79 25.16 -1.87
C PRO A 607 -12.26 25.85 -0.61
N LEU A 608 -11.18 25.30 -0.05
CA LEU A 608 -10.50 25.92 1.09
C LEU A 608 -9.63 27.07 0.61
N ARG A 609 -9.61 28.14 1.38
CA ARG A 609 -8.76 29.27 1.05
C ARG A 609 -7.29 28.83 1.06
N PRO A 610 -6.52 29.12 0.02
CA PRO A 610 -5.11 28.68 0.02
C PRO A 610 -4.26 29.48 0.99
N GLY A 611 -3.18 28.84 1.45
CA GLY A 611 -2.23 29.45 2.36
C GLY A 611 -1.92 28.52 3.52
N VAL A 612 -1.33 29.10 4.56
CA VAL A 612 -0.91 28.34 5.74
C VAL A 612 -2.03 28.37 6.76
N TRP A 613 -2.64 27.21 7.03
CA TRP A 613 -3.62 27.05 8.09
C TRP A 613 -2.94 26.72 9.41
N THR A 614 -3.68 26.95 10.51
CA THR A 614 -3.22 26.62 11.85
C THR A 614 -4.31 25.85 12.59
N VAL A 615 -3.89 24.84 13.35
CA VAL A 615 -4.79 24.07 14.21
C VAL A 615 -4.28 24.16 15.64
N LYS A 616 -5.15 24.56 16.56
CA LYS A 616 -4.79 24.76 17.95
C LYS A 616 -5.57 23.82 18.85
N ILE A 617 -4.92 23.41 19.94
CA ILE A 617 -5.53 22.57 20.96
C ILE A 617 -5.47 23.34 22.28
N LEU A 618 -6.61 23.45 22.95
CA LEU A 618 -6.73 24.15 24.21
C LEU A 618 -7.32 23.23 25.27
N HIS A 619 -7.07 23.57 26.53
CA HIS A 619 -7.67 22.88 27.67
C HIS A 619 -8.27 23.95 28.55
N HIS A 620 -9.59 24.13 28.45
CA HIS A 620 -10.28 25.19 29.19
C HIS A 620 -9.65 26.55 28.90
N TRP A 621 -9.48 26.84 27.61
CA TRP A 621 -8.91 28.11 27.15
C TRP A 621 -7.43 28.21 27.43
N VAL A 622 -6.86 27.23 28.13
CA VAL A 622 -5.42 27.24 28.38
C VAL A 622 -4.74 26.64 27.15
N PRO A 623 -3.85 27.38 26.48
CA PRO A 623 -3.16 26.82 25.33
C PRO A 623 -2.41 25.54 25.67
N VAL A 624 -2.37 24.62 24.72
CA VAL A 624 -1.67 23.34 24.89
C VAL A 624 -0.60 23.23 23.81
N ALA A 625 -1.01 23.24 22.55
CA ALA A 625 -0.09 23.07 21.44
C ALA A 625 -0.75 23.59 20.16
N GLU A 626 0.05 23.67 19.11
CA GLU A 626 -0.44 24.08 17.80
C GLU A 626 0.39 23.37 16.74
N THR A 627 -0.17 23.32 15.54
CA THR A 627 0.52 22.80 14.37
C THR A 627 0.03 23.56 13.16
N LYS A 628 0.77 23.44 12.05
CA LYS A 628 0.41 24.14 10.83
C LYS A 628 0.44 23.18 9.65
N PHE A 629 -0.34 23.50 8.63
CA PHE A 629 -0.32 22.74 7.39
C PHE A 629 -0.60 23.70 6.23
N LEU A 630 -0.24 23.25 5.03
CA LEU A 630 -0.27 24.08 3.84
C LEU A 630 -1.34 23.59 2.89
N VAL A 631 -2.27 24.48 2.53
CA VAL A 631 -3.18 24.28 1.42
C VAL A 631 -2.60 25.04 0.24
N ALA A 632 -2.04 24.32 -0.72
CA ALA A 632 -1.27 24.97 -1.77
C ALA A 632 -2.19 25.41 -2.90
N PRO A 633 -1.99 26.59 -3.49
CA PRO A 633 -2.71 26.92 -4.72
C PRO A 633 -2.17 26.07 -5.86
N LEU A 634 -3.05 25.82 -6.82
CA LEU A 634 -2.73 24.93 -7.93
C LEU A 634 -2.31 25.76 -9.14
N THR A 635 -1.24 25.32 -9.80
CA THR A 635 -0.81 25.90 -11.07
C THR A 635 -1.26 25.08 -12.28
N PHE A 636 -1.95 23.96 -12.08
CA PHE A 636 -2.37 23.09 -13.16
C PHE A 636 -3.85 22.75 -13.09
N SER A 637 -4.47 22.65 -14.27
CA SER A 637 -5.85 22.17 -14.41
C SER A 637 -5.88 21.18 -15.56
N ASN A 638 -6.18 19.92 -15.26
CA ASN A 638 -6.10 18.84 -16.24
C ASN A 638 -4.70 18.71 -16.82
N ARG A 639 -3.69 18.89 -15.97
CA ARG A 639 -2.30 18.80 -16.39
C ARG A 639 -1.94 19.91 -17.38
N GLN A 640 -2.70 20.99 -17.37
CA GLN A 640 -2.48 22.16 -18.21
C GLN A 640 -2.31 23.40 -17.35
N PRO A 641 -1.58 24.41 -17.84
CA PRO A 641 -1.46 25.66 -17.06
C PRO A 641 -2.83 26.23 -16.75
N ILE A 642 -3.08 26.51 -15.48
CA ILE A 642 -4.41 26.92 -15.05
C ILE A 642 -4.76 28.26 -15.67
N LYS A 643 -6.03 28.44 -16.01
CA LYS A 643 -6.50 29.64 -16.67
C LYS A 643 -7.17 30.58 -15.68
N PRO A 644 -7.25 31.88 -16.00
CA PRO A 644 -7.79 32.85 -15.03
C PRO A 644 -9.14 32.46 -14.46
N GLU A 645 -10.08 32.05 -15.30
CA GLU A 645 -11.44 31.78 -14.84
C GLU A 645 -11.50 30.57 -13.92
N GLU A 646 -10.68 29.56 -14.16
CA GLU A 646 -10.65 28.39 -13.28
C GLU A 646 -9.84 28.66 -12.01
N ALA A 647 -8.86 29.56 -12.09
CA ALA A 647 -8.12 29.99 -10.90
C ALA A 647 -9.01 30.73 -9.92
N LEU A 648 -9.84 31.66 -10.43
CA LEU A 648 -10.73 32.43 -9.55
C LEU A 648 -11.74 31.53 -8.85
N LYS A 649 -12.29 30.54 -9.56
CA LYS A 649 -13.24 29.65 -8.93
C LYS A 649 -12.58 28.85 -7.81
N LEU A 650 -11.28 28.58 -7.92
CA LEU A 650 -10.61 27.64 -7.03
C LEU A 650 -9.85 28.28 -5.87
N HIS A 651 -9.47 29.57 -5.92
CA HIS A 651 -8.53 30.10 -4.94
C HIS A 651 -9.13 31.22 -4.08
N ASN A 652 -10.45 31.36 -4.04
CA ASN A 652 -11.07 32.48 -3.33
C ASN A 652 -11.94 31.98 -2.18
N GLY A 653 -11.66 30.80 -1.66
CA GLY A 653 -12.40 30.27 -0.54
C GLY A 653 -13.68 29.61 -0.97
N PRO A 654 -14.43 29.05 -0.03
CA PRO A 654 -15.60 28.23 -0.38
C PRO A 654 -16.73 29.09 -0.94
N LEU A 655 -17.69 28.42 -1.59
CA LEU A 655 -18.73 29.18 -2.26
C LEU A 655 -19.48 29.98 -1.22
N ARG A 656 -20.03 29.31 -0.22
CA ARG A 656 -20.81 29.99 0.81
C ARG A 656 -19.77 30.67 1.67
N ASN A 657 -19.74 32.01 1.68
CA ASN A 657 -18.75 32.78 2.43
C ASN A 657 -18.19 32.07 3.68
N ALA A 658 -18.95 31.13 4.23
CA ALA A 658 -18.65 30.40 5.46
C ALA A 658 -18.32 28.94 5.18
N TYR A 659 -17.43 28.38 6.02
CA TYR A 659 -16.97 27.00 5.85
C TYR A 659 -17.93 26.01 6.48
N MET A 660 -18.68 26.42 7.49
CA MET A 660 -19.65 25.55 8.14
C MET A 660 -20.93 26.33 8.37
N GLU A 661 -21.93 25.67 8.94
CA GLU A 661 -23.19 26.33 9.26
C GLU A 661 -23.00 27.31 10.41
N GLN A 662 -22.59 26.81 11.57
CA GLN A 662 -22.38 27.66 12.72
C GLN A 662 -21.18 28.56 12.49
N SER A 663 -21.27 29.80 12.97
CA SER A 663 -20.20 30.77 12.83
C SER A 663 -19.40 30.87 14.13
N PHE A 664 -18.16 31.34 14.00
CA PHE A 664 -17.28 31.49 15.16
C PHE A 664 -16.66 32.88 15.21
N GLN A 665 -17.28 33.89 14.60
CA GLN A 665 -16.78 35.25 14.68
C GLN A 665 -16.71 35.75 16.12
N SER A 666 -17.56 35.22 17.01
CA SER A 666 -17.53 35.57 18.43
C SER A 666 -16.21 35.19 19.10
N LEU A 667 -15.35 34.40 18.45
CA LEU A 667 -14.13 33.89 19.07
C LEU A 667 -12.87 34.62 18.65
N ASN A 668 -12.88 35.33 17.52
CA ASN A 668 -11.68 36.00 17.05
C ASN A 668 -11.07 36.93 18.09
N PRO A 669 -11.81 37.83 18.73
CA PRO A 669 -11.18 38.67 19.77
C PRO A 669 -10.64 37.84 20.93
N VAL A 670 -11.37 36.81 21.36
CA VAL A 670 -10.99 36.04 22.55
C VAL A 670 -9.62 35.39 22.36
N LEU A 671 -9.36 34.81 21.19
CA LEU A 671 -8.12 34.09 20.96
C LEU A 671 -7.01 34.97 20.41
N SER A 672 -7.23 36.28 20.27
CA SER A 672 -6.24 37.18 19.70
C SER A 672 -5.91 36.78 18.26
N LEU A 673 -6.95 36.61 17.46
CA LEU A 673 -6.82 36.36 16.02
C LEU A 673 -7.52 37.47 15.26
N PRO A 674 -7.02 38.71 15.33
CA PRO A 674 -7.65 39.81 14.59
C PRO A 674 -7.53 39.61 13.08
N ILE A 675 -8.57 40.03 12.37
CA ILE A 675 -8.64 39.93 10.91
C ILE A 675 -8.22 41.27 10.30
N ASN A 676 -7.12 41.26 9.55
CA ASN A 676 -6.56 42.48 8.98
C ASN A 676 -7.25 42.78 7.66
N PRO A 677 -7.95 43.90 7.52
CA PRO A 677 -8.63 44.17 6.23
C PRO A 677 -7.70 44.19 5.04
N ALA A 678 -6.42 44.52 5.22
CA ALA A 678 -5.49 44.53 4.11
C ALA A 678 -5.17 43.11 3.64
N GLN A 679 -4.92 42.20 4.58
CA GLN A 679 -4.61 40.82 4.21
C GLN A 679 -5.78 40.15 3.50
N VAL A 680 -7.01 40.49 3.87
CA VAL A 680 -8.18 39.88 3.24
C VAL A 680 -8.24 40.29 1.76
N GLU A 681 -8.05 41.58 1.49
CA GLU A 681 -8.07 42.05 0.11
C GLU A 681 -6.91 41.48 -0.69
N GLN A 682 -5.73 41.39 -0.08
CA GLN A 682 -4.60 40.78 -0.77
C GLN A 682 -4.87 39.32 -1.13
N ALA A 683 -5.55 38.57 -0.25
CA ALA A 683 -5.91 37.20 -0.59
C ALA A 683 -6.89 37.15 -1.76
N ARG A 684 -7.83 38.09 -1.82
CA ARG A 684 -8.71 38.19 -2.97
C ARG A 684 -7.91 38.49 -4.23
N ARG A 685 -6.97 39.44 -4.13
CA ARG A 685 -6.11 39.74 -5.28
C ARG A 685 -5.29 38.53 -5.69
N ASN A 686 -4.71 37.82 -4.72
CA ASN A 686 -3.96 36.61 -5.02
C ASN A 686 -4.84 35.61 -5.78
N ALA A 687 -6.12 35.54 -5.46
CA ALA A 687 -7.01 34.55 -6.03
C ALA A 687 -7.20 34.70 -7.53
N ALA A 688 -6.93 35.88 -8.10
CA ALA A 688 -7.13 36.12 -9.52
C ALA A 688 -5.84 36.05 -10.32
N SER A 689 -4.73 35.70 -9.70
CA SER A 689 -3.44 35.70 -10.38
C SER A 689 -3.20 34.39 -11.11
N THR A 690 -2.42 34.46 -12.18
CA THR A 690 -2.03 33.30 -12.96
C THR A 690 -0.58 33.49 -13.40
N GLY A 691 -0.06 32.50 -14.12
CA GLY A 691 1.27 32.60 -14.69
C GLY A 691 2.34 32.94 -13.66
N THR A 692 3.15 33.95 -13.97
CA THR A 692 4.31 34.28 -13.13
C THR A 692 3.87 34.72 -11.74
N ALA A 693 2.87 35.60 -11.66
CA ALA A 693 2.40 36.07 -10.36
C ALA A 693 1.93 34.92 -9.47
N LEU A 694 1.21 33.96 -10.04
CA LEU A 694 0.77 32.80 -9.27
C LEU A 694 1.95 31.92 -8.86
N GLU A 695 2.90 31.70 -9.78
CA GLU A 695 4.07 30.89 -9.45
C GLU A 695 4.86 31.51 -8.30
N GLY A 696 4.94 32.84 -8.27
CA GLY A 696 5.64 33.51 -7.19
C GLY A 696 4.92 33.40 -5.86
N TRP A 697 3.58 33.35 -5.89
CA TRP A 697 2.82 33.17 -4.65
C TRP A 697 3.00 31.76 -4.09
N LEU A 698 2.90 30.75 -4.96
CA LEU A 698 3.11 29.37 -4.52
C LEU A 698 4.51 29.19 -3.97
N ASP A 699 5.52 29.65 -4.71
CA ASP A 699 6.92 29.40 -4.34
C ASP A 699 7.25 30.10 -3.03
N SER A 700 6.59 31.22 -2.74
CA SER A 700 6.78 31.88 -1.45
C SER A 700 6.13 31.09 -0.32
N LEU A 701 5.02 30.40 -0.62
CA LEU A 701 4.39 29.52 0.37
C LEU A 701 5.23 28.28 0.63
N VAL A 702 5.64 27.59 -0.44
CA VAL A 702 6.41 26.35 -0.29
C VAL A 702 7.72 26.62 0.45
N GLY A 703 8.43 27.69 0.07
CA GLY A 703 9.68 28.00 0.73
C GLY A 703 9.53 28.28 2.21
N GLY A 704 8.35 28.69 2.64
CA GLY A 704 8.12 28.93 4.06
C GLY A 704 7.82 27.68 4.85
N MET A 705 7.47 26.58 4.16
CA MET A 705 7.14 25.34 4.82
C MET A 705 8.05 24.17 4.44
N TRP A 706 8.94 24.36 3.46
CA TRP A 706 9.85 23.31 3.02
C TRP A 706 11.26 23.88 2.90
N THR A 707 12.25 22.99 3.02
CA THR A 707 13.66 23.35 2.91
C THR A 707 14.32 22.46 1.87
N ALA A 708 15.09 23.08 0.96
CA ALA A 708 15.91 22.34 0.01
C ALA A 708 17.21 21.97 0.73
N MET A 709 17.34 20.70 1.13
CA MET A 709 18.50 20.28 1.90
C MET A 709 19.75 20.22 1.04
N ASP A 710 19.63 19.78 -0.20
CA ASP A 710 20.80 19.56 -1.03
C ASP A 710 20.33 19.27 -2.45
N ILE A 711 21.27 19.36 -3.38
CA ILE A 711 21.02 19.10 -4.79
C ILE A 711 22.31 18.59 -5.41
N CYS A 712 22.18 17.60 -6.30
CA CYS A 712 23.34 16.95 -6.89
C CYS A 712 23.11 16.80 -8.39
N ALA A 713 24.19 16.55 -9.12
CA ALA A 713 24.14 16.28 -10.54
C ALA A 713 24.31 14.79 -10.81
N THR A 714 23.61 14.29 -11.81
CA THR A 714 23.74 12.88 -12.17
C THR A 714 24.90 12.64 -13.13
N GLY A 715 25.24 13.62 -13.96
CA GLY A 715 26.36 13.51 -14.86
C GLY A 715 27.28 14.70 -14.75
N PRO A 716 27.98 15.05 -15.84
CA PRO A 716 28.86 16.21 -15.79
C PRO A 716 28.07 17.49 -15.53
N THR A 717 28.72 18.43 -14.84
CA THR A 717 28.09 19.69 -14.49
C THR A 717 29.11 20.81 -14.56
N ALA A 718 28.62 22.03 -14.80
CA ALA A 718 29.46 23.22 -14.79
C ALA A 718 29.39 23.96 -13.47
N CYS A 719 28.43 23.64 -12.60
CA CYS A 719 28.35 24.26 -11.29
C CYS A 719 29.47 23.67 -10.45
N PRO A 720 30.48 24.45 -10.04
CA PRO A 720 31.66 23.85 -9.41
C PRO A 720 31.43 23.34 -7.99
N VAL A 721 30.26 23.61 -7.39
CA VAL A 721 30.05 23.31 -5.98
C VAL A 721 29.04 22.18 -5.79
N MET A 722 28.59 21.54 -6.86
CA MET A 722 27.58 20.50 -6.74
C MET A 722 28.28 19.14 -6.87
N GLN A 723 28.02 18.25 -5.92
CA GLN A 723 28.56 16.90 -5.95
C GLN A 723 27.83 16.02 -6.98
N THR A 724 28.48 14.89 -7.32
CA THR A 724 27.82 13.82 -8.07
C THR A 724 26.88 12.99 -7.19
N CYS A 725 25.68 12.73 -7.71
CA CYS A 725 24.64 12.07 -6.94
C CYS A 725 25.06 10.70 -6.40
N SER A 726 25.85 9.96 -7.17
CA SER A 726 26.27 8.62 -6.73
C SER A 726 27.19 8.65 -5.53
N GLN A 727 27.83 9.78 -5.29
CA GLN A 727 28.77 9.96 -4.20
C GLN A 727 28.10 10.47 -2.92
N THR A 728 26.80 10.74 -2.96
CA THR A 728 26.08 11.24 -1.80
C THR A 728 25.63 10.08 -0.91
N ALA A 729 25.17 10.42 0.29
CA ALA A 729 24.57 9.45 1.19
C ALA A 729 23.07 9.34 0.99
N TRP A 730 22.43 10.35 0.39
CA TRP A 730 20.98 10.47 0.37
C TRP A 730 20.34 10.18 -0.99
N SER A 731 21.10 10.23 -2.08
CA SER A 731 20.53 10.09 -3.41
C SER A 731 19.99 8.69 -3.66
N SER A 732 18.93 8.61 -4.46
CA SER A 732 18.45 7.32 -4.95
C SER A 732 19.44 6.69 -5.91
N PHE A 733 20.50 7.42 -6.28
CA PHE A 733 21.59 6.91 -7.10
C PHE A 733 22.75 6.37 -6.27
N SER A 734 22.73 6.56 -4.96
CA SER A 734 23.83 6.15 -4.09
C SER A 734 23.78 4.65 -3.83
N PRO A 735 24.90 4.06 -3.40
CA PRO A 735 24.95 2.60 -3.22
C PRO A 735 23.94 2.13 -2.19
N ASP A 736 23.24 1.05 -2.52
CA ASP A 736 22.26 0.43 -1.62
C ASP A 736 22.43 -1.08 -1.71
N PRO A 737 23.55 -1.60 -1.19
CA PRO A 737 23.87 -3.02 -1.42
C PRO A 737 22.87 -4.00 -0.84
N LYS A 738 22.10 -3.62 0.19
CA LYS A 738 21.17 -4.58 0.77
C LYS A 738 20.04 -4.95 -0.18
N SER A 739 19.80 -4.13 -1.21
CA SER A 739 18.75 -4.39 -2.19
C SER A 739 19.31 -4.60 -3.59
N GLU A 740 20.62 -4.72 -3.75
CA GLU A 740 21.25 -4.88 -5.06
C GLU A 740 21.51 -6.35 -5.33
N LEU A 741 21.29 -6.77 -6.57
CA LEU A 741 21.38 -8.17 -6.97
C LEU A 741 22.53 -8.36 -7.95
N GLY A 742 23.47 -9.23 -7.60
CA GLY A 742 24.63 -9.47 -8.44
C GLY A 742 24.74 -10.89 -8.95
N ALA A 743 25.97 -11.40 -9.04
CA ALA A 743 26.20 -12.72 -9.59
C ALA A 743 26.03 -13.81 -8.54
N VAL A 744 25.61 -14.99 -9.00
CA VAL A 744 25.39 -16.14 -8.12
C VAL A 744 26.72 -16.67 -7.61
N LYS A 745 26.82 -16.85 -6.30
CA LYS A 745 28.05 -17.31 -5.66
C LYS A 745 28.19 -18.82 -5.80
N PRO A 746 29.36 -19.37 -5.47
CA PRO A 746 29.54 -20.83 -5.59
C PRO A 746 28.52 -21.65 -4.83
N ASP A 747 28.02 -21.17 -3.70
CA ASP A 747 27.03 -21.90 -2.93
C ASP A 747 25.60 -21.75 -3.45
N GLY A 748 25.41 -21.07 -4.58
CA GLY A 748 24.08 -20.93 -5.16
C GLY A 748 23.22 -19.82 -4.59
N ARG A 749 23.78 -18.90 -3.82
CA ARG A 749 23.01 -17.86 -3.15
C ARG A 749 23.33 -16.51 -3.76
N LEU A 750 22.44 -15.54 -3.49
CA LEU A 750 22.71 -14.14 -3.79
C LEU A 750 23.08 -13.33 -2.57
N ARG A 751 22.61 -13.73 -1.39
CA ARG A 751 22.90 -13.03 -0.15
C ARG A 751 24.25 -13.47 0.42
N GLU B 2 -3.36 -17.37 17.22
CA GLU B 2 -3.66 -16.80 15.91
C GLU B 2 -4.79 -17.55 15.21
N GLU B 3 -6.00 -17.02 15.33
CA GLU B 3 -7.13 -17.53 14.55
C GLU B 3 -7.01 -17.08 13.10
N GLU B 4 -7.47 -17.92 12.19
CA GLU B 4 -7.34 -17.68 10.76
C GLU B 4 -8.69 -17.42 10.11
N GLY B 5 -8.62 -16.84 8.91
CA GLY B 5 -9.78 -16.38 8.17
C GLY B 5 -9.83 -14.87 8.10
N SER B 6 -9.97 -14.33 6.89
CA SER B 6 -9.91 -12.89 6.67
C SER B 6 -11.28 -12.23 6.56
N GLY B 7 -12.34 -13.03 6.47
CA GLY B 7 -13.67 -12.45 6.37
C GLY B 7 -14.14 -11.87 7.70
N GLY B 8 -14.91 -10.78 7.60
CA GLY B 8 -15.44 -10.12 8.75
C GLY B 8 -16.85 -10.61 8.96
N PRO B 9 -17.81 -9.70 9.06
CA PRO B 9 -19.21 -10.09 8.91
C PRO B 9 -19.87 -9.40 7.72
N GLN B 10 -21.20 -9.36 7.70
CA GLN B 10 -21.92 -8.65 6.66
C GLN B 10 -22.12 -7.18 7.05
P PO4 C . -3.09 -8.63 2.25
O1 PO4 C . -3.60 -9.23 0.96
O2 PO4 C . -2.98 -7.14 2.09
O3 PO4 C . -1.72 -9.20 2.56
O4 PO4 C . -4.03 -8.97 3.38
#